data_7REC
#
_entry.id   7REC
#
_cell.length_a   101.433
_cell.length_b   182.958
_cell.length_c   106.466
_cell.angle_alpha   90.00
_cell.angle_beta   90.00
_cell.angle_gamma   90.00
#
_symmetry.space_group_name_H-M   'C 2 2 21'
#
loop_
_entity.id
_entity.type
_entity.pdbx_description
1 polymer 'Calcium/calmodulin-dependent protein kinase type II subunit alpha'
2 non-polymer 5-hydroxydiclofenac
3 non-polymer 'SODIUM ION'
4 water water
#
_entity_poly.entity_id   1
_entity_poly.type   'polypeptide(L)'
_entity_poly.pdbx_seq_one_letter_code
;GPHMVRKQEIIKVNQQLIEAISNGDFESYTKMCDPGMTAFEPEALGNLVEGLDFHRFYFENLWSRNSKPVHNTMLNPHIH
LMGDESACIAYIRITQYLDAGGIPRTAQSEETRVWHRRDGKWQHVHMHRSGAPSV
;
_entity_poly.pdbx_strand_id   G,D,A,B,C,E,F
#
# COMPACT_ATOMS: atom_id res chain seq x y z
N HIS A 3 27.88 -19.94 9.68
CA HIS A 3 27.43 -18.62 9.26
C HIS A 3 27.51 -18.47 7.74
N MET A 4 28.31 -17.50 7.29
CA MET A 4 28.21 -17.02 5.92
C MET A 4 28.49 -18.10 4.89
N VAL A 5 29.42 -19.03 5.19
CA VAL A 5 29.82 -20.01 4.20
C VAL A 5 28.65 -20.95 3.87
N ARG A 6 28.04 -21.55 4.88
CA ARG A 6 26.93 -22.46 4.63
C ARG A 6 25.70 -21.70 4.18
N LYS A 7 25.56 -20.44 4.61
CA LYS A 7 24.44 -19.62 4.16
C LYS A 7 24.52 -19.33 2.67
N GLN A 8 25.73 -19.14 2.15
CA GLN A 8 25.88 -18.87 0.72
C GLN A 8 25.61 -20.12 -0.11
N GLU A 9 26.00 -21.30 0.40
CA GLU A 9 25.72 -22.54 -0.35
C GLU A 9 24.23 -22.80 -0.43
N ILE A 10 23.49 -22.48 0.63
CA ILE A 10 22.03 -22.64 0.59
C ILE A 10 21.41 -21.64 -0.38
N ILE A 11 21.93 -20.41 -0.40
CA ILE A 11 21.42 -19.42 -1.34
C ILE A 11 21.66 -19.86 -2.77
N LYS A 12 22.84 -20.43 -3.05
CA LYS A 12 23.14 -20.93 -4.39
C LYS A 12 22.15 -21.99 -4.82
N VAL A 13 21.97 -23.03 -4.00
CA VAL A 13 21.14 -24.15 -4.40
C VAL A 13 19.68 -23.72 -4.56
N ASN A 14 19.24 -22.75 -3.77
CA ASN A 14 17.87 -22.24 -3.93
C ASN A 14 17.75 -21.39 -5.19
N GLN A 15 18.79 -20.63 -5.52
CA GLN A 15 18.80 -19.91 -6.79
C GLN A 15 18.73 -20.89 -7.96
N GLN A 16 19.44 -22.01 -7.86
CA GLN A 16 19.42 -23.00 -8.93
C GLN A 16 18.03 -23.59 -9.10
N LEU A 17 17.33 -23.84 -7.99
CA LEU A 17 15.95 -24.31 -8.08
C LEU A 17 15.06 -23.27 -8.75
N ILE A 18 15.20 -22.00 -8.34
CA ILE A 18 14.36 -20.94 -8.88
C ILE A 18 14.60 -20.77 -10.38
N GLU A 19 15.85 -20.87 -10.80
CA GLU A 19 16.15 -20.73 -12.22
C GLU A 19 15.68 -21.94 -13.02
N ALA A 20 15.73 -23.13 -12.43
CA ALA A 20 15.14 -24.29 -13.09
C ALA A 20 13.64 -24.11 -13.27
N ILE A 21 12.99 -23.46 -12.29
CA ILE A 21 11.57 -23.18 -12.38
C ILE A 21 11.29 -22.21 -13.52
N SER A 22 12.06 -21.11 -13.58
CA SER A 22 11.84 -20.11 -14.63
C SER A 22 12.12 -20.68 -16.02
N ASN A 23 13.07 -21.60 -16.13
CA ASN A 23 13.32 -22.27 -17.40
C ASN A 23 12.24 -23.27 -17.76
N GLY A 24 11.31 -23.56 -16.85
CA GLY A 24 10.38 -24.66 -17.06
C GLY A 24 11.08 -25.99 -17.19
N ASP A 25 12.20 -26.18 -16.48
CA ASP A 25 13.07 -27.34 -16.62
C ASP A 25 12.73 -28.32 -15.51
N PHE A 26 11.79 -29.24 -15.78
CA PHE A 26 11.27 -30.11 -14.73
C PHE A 26 12.26 -31.19 -14.33
N GLU A 27 13.09 -31.65 -15.28
CA GLU A 27 14.04 -32.72 -14.96
C GLU A 27 15.14 -32.21 -14.03
N SER A 28 15.57 -30.96 -14.20
CA SER A 28 16.48 -30.36 -13.24
C SER A 28 15.81 -30.23 -11.88
N TYR A 29 14.61 -29.64 -11.86
CA TYR A 29 13.83 -29.51 -10.63
C TYR A 29 13.67 -30.85 -9.93
N THR A 30 13.35 -31.90 -10.70
CA THR A 30 13.20 -33.23 -10.13
C THR A 30 14.50 -33.71 -9.49
N LYS A 31 15.64 -33.46 -10.14
CA LYS A 31 16.93 -33.82 -9.57
C LYS A 31 17.18 -33.10 -8.25
N MET A 32 16.70 -31.87 -8.12
CA MET A 32 16.94 -31.09 -6.91
C MET A 32 15.95 -31.39 -5.79
N CYS A 33 14.87 -32.10 -6.08
CA CYS A 33 13.80 -32.32 -5.10
C CYS A 33 13.77 -33.78 -4.65
N ASP A 34 13.61 -33.98 -3.35
CA ASP A 34 13.37 -35.31 -2.81
C ASP A 34 12.08 -35.87 -3.41
N PRO A 35 12.04 -37.15 -3.76
CA PRO A 35 10.81 -37.73 -4.32
C PRO A 35 9.62 -37.65 -3.40
N GLY A 36 9.84 -37.50 -2.09
CA GLY A 36 8.73 -37.40 -1.16
C GLY A 36 8.56 -36.02 -0.56
N MET A 37 8.96 -34.99 -1.32
CA MET A 37 8.79 -33.62 -0.84
C MET A 37 7.30 -33.27 -0.72
N THR A 38 7.02 -32.29 0.15
CA THR A 38 5.67 -31.80 0.35
C THR A 38 5.62 -30.30 0.08
N ALA A 39 4.41 -29.78 -0.09
CA ALA A 39 4.24 -28.39 -0.49
C ALA A 39 2.90 -27.83 -0.03
N PHE A 40 2.94 -26.67 0.62
CA PHE A 40 1.81 -25.77 0.74
C PHE A 40 2.00 -24.64 -0.26
N GLU A 41 0.96 -24.38 -1.07
CA GLU A 41 1.04 -23.36 -2.10
C GLU A 41 -0.38 -22.97 -2.48
N PRO A 42 -0.59 -21.75 -3.01
CA PRO A 42 -1.94 -21.33 -3.39
C PRO A 42 -2.59 -22.25 -4.43
N GLU A 43 -1.80 -22.77 -5.37
CA GLU A 43 -2.35 -23.69 -6.37
C GLU A 43 -2.96 -24.94 -5.74
N ALA A 44 -2.54 -25.29 -4.53
CA ALA A 44 -3.02 -26.50 -3.85
C ALA A 44 -4.28 -26.26 -3.02
N LEU A 45 -4.75 -25.01 -2.95
CA LEU A 45 -6.05 -24.68 -2.34
C LEU A 45 -6.11 -25.08 -0.87
N GLY A 46 -5.01 -24.84 -0.14
CA GLY A 46 -4.96 -25.10 1.28
C GLY A 46 -4.61 -26.52 1.68
N ASN A 47 -4.33 -27.40 0.72
CA ASN A 47 -3.93 -28.77 0.99
C ASN A 47 -2.41 -28.92 0.93
N LEU A 48 -1.92 -29.99 1.56
CA LEU A 48 -0.52 -30.39 1.50
C LEU A 48 -0.38 -31.43 0.39
N VAL A 49 0.32 -31.09 -0.68
CA VAL A 49 0.54 -32.02 -1.78
C VAL A 49 1.90 -32.69 -1.60
N GLU A 50 1.98 -33.96 -2.00
CA GLU A 50 3.16 -34.78 -1.79
C GLU A 50 3.66 -35.33 -3.11
N GLY A 51 4.97 -35.48 -3.22
CA GLY A 51 5.58 -35.92 -4.46
C GLY A 51 5.71 -34.78 -5.44
N LEU A 52 6.18 -35.12 -6.63
CA LEU A 52 6.44 -34.12 -7.66
C LEU A 52 5.41 -34.08 -8.77
N ASP A 53 4.51 -35.07 -8.84
CA ASP A 53 3.57 -35.13 -9.96
C ASP A 53 2.68 -33.89 -10.03
N PHE A 54 2.27 -33.35 -8.89
CA PHE A 54 1.37 -32.21 -8.89
C PHE A 54 1.99 -31.00 -9.58
N HIS A 55 3.30 -30.81 -9.40
CA HIS A 55 3.98 -29.64 -9.95
C HIS A 55 4.31 -29.79 -11.43
N ARG A 56 4.31 -31.03 -11.95
CA ARG A 56 4.61 -31.25 -13.36
C ARG A 56 3.65 -30.50 -14.27
N PHE A 57 2.41 -30.30 -13.83
CA PHE A 57 1.42 -29.61 -14.64
C PHE A 57 1.86 -28.18 -14.94
N TYR A 58 2.53 -27.52 -14.00
CA TYR A 58 2.92 -26.14 -14.21
C TYR A 58 4.23 -26.01 -14.96
N PHE A 59 5.09 -27.03 -14.92
CA PHE A 59 6.28 -27.01 -15.78
C PHE A 59 5.91 -27.30 -17.22
N GLU A 60 4.93 -28.18 -17.46
CA GLU A 60 4.57 -28.58 -18.81
C GLU A 60 3.67 -27.56 -19.51
N ASN A 61 3.02 -26.67 -18.76
CA ASN A 61 2.08 -25.74 -19.37
C ASN A 61 2.43 -24.29 -19.09
N LEU A 62 3.66 -23.89 -19.41
CA LEU A 62 4.08 -22.49 -19.29
C LEU A 62 4.65 -21.98 -20.61
N PRO A 69 9.01 -14.02 -20.69
CA PRO A 69 9.46 -12.66 -20.36
C PRO A 69 9.24 -12.30 -18.90
N VAL A 70 9.99 -12.95 -18.00
CA VAL A 70 9.81 -12.80 -16.57
C VAL A 70 11.17 -12.64 -15.90
N HIS A 71 11.14 -12.05 -14.70
CA HIS A 71 12.32 -11.92 -13.85
C HIS A 71 11.90 -12.10 -12.40
N ASN A 72 12.59 -12.96 -11.67
CA ASN A 72 12.25 -13.29 -10.30
C ASN A 72 13.34 -12.78 -9.36
N THR A 73 12.94 -12.02 -8.34
CA THR A 73 13.86 -11.46 -7.38
C THR A 73 13.66 -12.12 -6.02
N MET A 74 14.77 -12.50 -5.38
CA MET A 74 14.77 -13.15 -4.08
C MET A 74 15.35 -12.15 -3.09
N LEU A 75 14.48 -11.53 -2.30
CA LEU A 75 14.86 -10.42 -1.42
C LEU A 75 15.33 -10.93 -0.07
N ASN A 76 16.47 -10.39 0.39
CA ASN A 76 17.03 -10.55 1.73
C ASN A 76 16.70 -11.90 2.33
N PRO A 77 17.29 -12.99 1.82
CA PRO A 77 16.94 -14.32 2.33
C PRO A 77 17.44 -14.51 3.74
N HIS A 78 16.62 -15.15 4.55
CA HIS A 78 16.98 -15.54 5.91
C HIS A 78 17.20 -17.04 5.92
N ILE A 79 18.37 -17.47 6.38
CA ILE A 79 18.77 -18.87 6.37
C ILE A 79 19.00 -19.32 7.81
N HIS A 80 18.31 -20.38 8.21
CA HIS A 80 18.56 -21.05 9.49
C HIS A 80 19.35 -22.32 9.20
N LEU A 81 20.51 -22.46 9.82
CA LEU A 81 21.34 -23.64 9.68
C LEU A 81 21.17 -24.52 10.92
N MET A 82 20.85 -25.79 10.70
CA MET A 82 20.49 -26.73 11.76
C MET A 82 21.37 -27.97 11.63
N GLY A 83 22.60 -27.88 12.10
CA GLY A 83 23.55 -28.95 11.92
C GLY A 83 24.23 -28.86 10.56
N ASP A 84 24.84 -29.98 10.15
CA ASP A 84 25.58 -30.00 8.90
C ASP A 84 24.68 -30.22 7.69
N GLU A 85 23.56 -30.92 7.86
CA GLU A 85 22.77 -31.42 6.73
C GLU A 85 21.36 -30.85 6.67
N SER A 86 21.12 -29.68 7.26
CA SER A 86 19.77 -29.15 7.30
C SER A 86 19.78 -27.64 7.24
N ALA A 87 18.92 -27.07 6.41
CA ALA A 87 18.81 -25.62 6.32
C ALA A 87 17.38 -25.26 5.94
N CYS A 88 16.95 -24.10 6.43
CA CYS A 88 15.65 -23.53 6.10
C CYS A 88 15.88 -22.11 5.62
N ILE A 89 15.43 -21.81 4.40
CA ILE A 89 15.58 -20.48 3.81
C ILE A 89 14.19 -19.89 3.65
N ALA A 90 14.07 -18.60 3.99
CA ALA A 90 12.81 -17.88 3.89
C ALA A 90 13.07 -16.55 3.20
N TYR A 91 12.26 -16.23 2.19
CA TYR A 91 12.52 -15.03 1.40
C TYR A 91 11.23 -14.58 0.73
N ILE A 92 11.16 -13.27 0.50
CA ILE A 92 10.10 -12.70 -0.33
C ILE A 92 10.53 -12.82 -1.78
N ARG A 93 9.64 -13.31 -2.63
CA ARG A 93 9.89 -13.43 -4.06
C ARG A 93 9.04 -12.41 -4.80
N ILE A 94 9.69 -11.52 -5.55
CA ILE A 94 8.99 -10.57 -6.42
C ILE A 94 9.12 -11.07 -7.85
N THR A 95 7.99 -11.16 -8.54
CA THR A 95 7.94 -11.61 -9.92
C THR A 95 7.59 -10.42 -10.82
N GLN A 96 8.48 -10.09 -11.75
CA GLN A 96 8.23 -9.06 -12.74
C GLN A 96 7.81 -9.74 -14.05
N TYR A 97 6.64 -9.38 -14.56
CA TYR A 97 6.10 -10.03 -15.75
C TYR A 97 5.33 -9.00 -16.57
N LEU A 98 4.83 -9.44 -17.71
CA LEU A 98 4.05 -8.61 -18.63
C LEU A 98 2.74 -9.34 -18.93
N ASP A 99 1.62 -8.69 -18.64
CA ASP A 99 0.33 -9.32 -18.84
C ASP A 99 0.00 -9.41 -20.33
N ALA A 100 -1.21 -9.89 -20.62
CA ALA A 100 -1.64 -9.99 -22.02
C ALA A 100 -1.66 -8.62 -22.68
N GLY A 101 -2.14 -7.60 -21.96
CA GLY A 101 -2.27 -6.27 -22.51
C GLY A 101 -0.94 -5.57 -22.64
N GLY A 102 0.12 -6.27 -22.25
CA GLY A 102 1.46 -5.75 -22.32
C GLY A 102 1.87 -4.88 -21.16
N ILE A 103 0.94 -4.52 -20.28
CA ILE A 103 1.22 -3.66 -19.12
C ILE A 103 2.13 -4.41 -18.16
N PRO A 104 3.28 -3.85 -17.79
CA PRO A 104 4.18 -4.53 -16.86
C PRO A 104 3.59 -4.59 -15.46
N ARG A 105 3.82 -5.72 -14.79
CA ARG A 105 3.24 -5.97 -13.47
C ARG A 105 4.25 -6.65 -12.56
N THR A 106 4.02 -6.53 -11.26
CA THR A 106 4.79 -7.24 -10.25
C THR A 106 3.85 -7.99 -9.32
N ALA A 107 4.34 -9.12 -8.81
CA ALA A 107 3.60 -9.94 -7.86
C ALA A 107 4.53 -10.37 -6.74
N GLN A 108 3.97 -10.54 -5.55
CA GLN A 108 4.75 -10.91 -4.38
C GLN A 108 4.25 -12.24 -3.82
N SER A 109 5.21 -13.10 -3.47
CA SER A 109 4.94 -14.31 -2.71
C SER A 109 6.00 -14.46 -1.64
N GLU A 110 5.64 -15.18 -0.58
CA GLU A 110 6.55 -15.48 0.52
C GLU A 110 6.83 -16.98 0.51
N GLU A 111 8.11 -17.35 0.54
CA GLU A 111 8.50 -18.73 0.33
C GLU A 111 9.38 -19.21 1.47
N THR A 112 9.00 -20.34 2.05
CA THR A 112 9.83 -21.11 2.96
C THR A 112 10.24 -22.39 2.25
N ARG A 113 11.54 -22.65 2.16
CA ARG A 113 12.02 -23.88 1.55
C ARG A 113 13.00 -24.57 2.49
N VAL A 114 12.82 -25.87 2.67
CA VAL A 114 13.60 -26.66 3.61
C VAL A 114 14.48 -27.62 2.82
N TRP A 115 15.77 -27.62 3.12
CA TRP A 115 16.77 -28.37 2.38
C TRP A 115 17.48 -29.36 3.31
N HIS A 116 17.70 -30.57 2.80
CA HIS A 116 18.38 -31.62 3.54
C HIS A 116 19.55 -32.10 2.69
N ARG A 117 20.76 -32.00 3.25
CA ARG A 117 21.95 -32.47 2.55
C ARG A 117 22.07 -33.96 2.77
N ARG A 118 21.88 -34.73 1.71
CA ARG A 118 21.88 -36.19 1.78
C ARG A 118 23.09 -36.71 1.02
N ASP A 119 24.00 -37.36 1.74
CA ASP A 119 25.17 -38.00 1.15
C ASP A 119 26.04 -37.00 0.39
N GLY A 120 25.91 -35.71 0.69
CA GLY A 120 26.70 -34.65 0.06
C GLY A 120 25.88 -33.67 -0.74
N LYS A 121 24.71 -34.09 -1.24
CA LYS A 121 23.91 -33.29 -2.16
C LYS A 121 22.68 -32.75 -1.45
N TRP A 122 22.42 -31.45 -1.64
CA TRP A 122 21.27 -30.80 -1.03
C TRP A 122 19.99 -31.17 -1.75
N GLN A 123 18.96 -31.53 -0.99
CA GLN A 123 17.69 -31.98 -1.54
C GLN A 123 16.55 -31.17 -0.94
N HIS A 124 15.63 -30.75 -1.81
CA HIS A 124 14.48 -29.92 -1.43
C HIS A 124 13.36 -30.84 -0.92
N VAL A 125 13.01 -30.71 0.36
CA VAL A 125 12.08 -31.63 1.00
C VAL A 125 10.73 -30.99 1.36
N HIS A 126 10.66 -29.68 1.52
CA HIS A 126 9.38 -29.07 1.87
C HIS A 126 9.39 -27.60 1.45
N MET A 127 8.25 -27.15 0.94
CA MET A 127 8.08 -25.74 0.58
C MET A 127 6.73 -25.24 1.05
N HIS A 128 6.71 -23.99 1.47
CA HIS A 128 5.49 -23.30 1.86
C HIS A 128 5.47 -21.95 1.17
N ARG A 129 4.48 -21.70 0.34
CA ARG A 129 4.33 -20.44 -0.37
C ARG A 129 2.98 -19.83 -0.06
N SER A 130 2.96 -18.53 0.20
CA SER A 130 1.71 -17.79 0.34
C SER A 130 1.79 -16.54 -0.54
N GLY A 131 0.62 -16.04 -0.92
CA GLY A 131 0.58 -14.88 -1.78
C GLY A 131 0.12 -15.15 -3.19
N ALA A 132 0.92 -14.74 -4.17
CA ALA A 132 0.47 -14.76 -5.55
C ALA A 132 0.46 -16.19 -6.10
N PRO A 133 -0.64 -16.63 -6.73
CA PRO A 133 -0.63 -17.91 -7.45
C PRO A 133 0.05 -17.74 -8.81
N SER A 134 1.16 -18.44 -9.01
CA SER A 134 1.98 -18.27 -10.20
C SER A 134 2.52 -19.59 -10.72
N PRO B 2 15.10 -45.59 13.74
CA PRO B 2 14.37 -44.84 14.76
C PRO B 2 13.61 -43.65 14.16
N HIS B 3 13.38 -43.69 12.84
CA HIS B 3 12.72 -42.59 12.18
C HIS B 3 11.32 -42.35 12.75
N MET B 4 10.56 -43.41 12.98
CA MET B 4 9.20 -43.24 13.51
C MET B 4 9.24 -42.76 14.96
N VAL B 5 10.21 -43.22 15.74
CA VAL B 5 10.36 -42.71 17.11
C VAL B 5 10.64 -41.22 17.09
N ARG B 6 11.52 -40.77 16.17
CA ARG B 6 11.88 -39.36 16.11
C ARG B 6 10.73 -38.50 15.62
N LYS B 7 9.88 -39.03 14.72
CA LYS B 7 8.72 -38.27 14.28
C LYS B 7 7.71 -38.10 15.41
N GLN B 8 7.49 -39.15 16.20
CA GLN B 8 6.67 -39.04 17.41
C GLN B 8 7.25 -38.00 18.36
N GLU B 9 8.58 -37.96 18.47
CA GLU B 9 9.25 -36.96 19.29
C GLU B 9 8.94 -35.55 18.81
N ILE B 10 8.96 -35.32 17.50
CA ILE B 10 8.71 -33.99 16.96
C ILE B 10 7.23 -33.62 17.11
N ILE B 11 6.33 -34.59 16.90
CA ILE B 11 4.91 -34.33 17.10
C ILE B 11 4.66 -33.85 18.53
N LYS B 12 5.33 -34.46 19.51
CA LYS B 12 5.11 -34.11 20.91
C LYS B 12 5.71 -32.74 21.23
N VAL B 13 6.91 -32.46 20.73
CA VAL B 13 7.52 -31.15 20.96
C VAL B 13 6.64 -30.05 20.37
N ASN B 14 6.10 -30.28 19.17
CA ASN B 14 5.23 -29.29 18.55
C ASN B 14 3.93 -29.13 19.34
N GLN B 15 3.38 -30.24 19.84
CA GLN B 15 2.14 -30.16 20.63
C GLN B 15 2.35 -29.34 21.89
N GLN B 16 3.52 -29.44 22.51
CA GLN B 16 3.81 -28.61 23.68
C GLN B 16 3.85 -27.13 23.31
N LEU B 17 4.37 -26.80 22.13
CA LEU B 17 4.34 -25.41 21.69
C LEU B 17 2.91 -24.94 21.46
N ILE B 18 2.08 -25.78 20.85
CA ILE B 18 0.67 -25.46 20.66
C ILE B 18 -0.03 -25.26 22.01
N GLU B 19 0.39 -26.01 23.03
CA GLU B 19 -0.24 -25.87 24.35
C GLU B 19 0.07 -24.51 24.96
N ALA B 20 1.33 -24.09 24.90
CA ALA B 20 1.69 -22.76 25.40
C ALA B 20 0.92 -21.66 24.68
N ILE B 21 0.62 -21.87 23.39
CA ILE B 21 -0.15 -20.88 22.64
C ILE B 21 -1.61 -20.90 23.08
N SER B 22 -2.18 -22.11 23.22
CA SER B 22 -3.59 -22.21 23.61
C SER B 22 -3.84 -21.59 24.97
N ASN B 23 -2.91 -21.78 25.91
CA ASN B 23 -3.05 -21.23 27.25
C ASN B 23 -2.63 -19.77 27.34
N GLY B 24 -2.32 -19.13 26.20
CA GLY B 24 -1.80 -17.78 26.23
C GLY B 24 -0.53 -17.65 27.03
N ASP B 25 0.22 -18.74 27.17
CA ASP B 25 1.43 -18.79 27.99
C ASP B 25 2.60 -18.30 27.14
N PHE B 26 2.86 -17.00 27.19
CA PHE B 26 3.94 -16.44 26.40
C PHE B 26 5.32 -16.78 26.96
N GLU B 27 5.42 -16.96 28.28
CA GLU B 27 6.71 -17.32 28.87
C GLU B 27 7.17 -18.70 28.40
N SER B 28 6.26 -19.67 28.43
CA SER B 28 6.59 -21.01 27.90
C SER B 28 6.91 -20.94 26.42
N TYR B 29 6.10 -20.20 25.66
CA TYR B 29 6.37 -20.00 24.24
C TYR B 29 7.77 -19.45 24.00
N THR B 30 8.19 -18.49 24.83
CA THR B 30 9.53 -17.92 24.70
C THR B 30 10.60 -18.97 24.99
N LYS B 31 10.36 -19.83 25.98
CA LYS B 31 11.34 -20.86 26.32
C LYS B 31 11.55 -21.84 25.17
N MET B 32 10.53 -22.03 24.33
CA MET B 32 10.58 -23.05 23.29
C MET B 32 11.02 -22.50 21.94
N CYS B 33 11.09 -21.19 21.77
CA CYS B 33 11.43 -20.57 20.49
C CYS B 33 12.84 -20.01 20.54
N ASP B 34 13.60 -20.26 19.49
CA ASP B 34 14.90 -19.62 19.33
C ASP B 34 14.72 -18.10 19.39
N PRO B 35 15.59 -17.37 20.09
CA PRO B 35 15.45 -15.91 20.15
C PRO B 35 15.49 -15.24 18.78
N GLY B 36 16.06 -15.90 17.77
CA GLY B 36 16.11 -15.33 16.44
C GLY B 36 15.21 -16.03 15.46
N MET B 37 14.11 -16.62 15.94
CA MET B 37 13.17 -17.27 15.06
C MET B 37 12.57 -16.28 14.07
N THR B 38 12.07 -16.79 12.96
CA THR B 38 11.44 -15.98 11.93
C THR B 38 10.04 -16.52 11.65
N ALA B 39 9.24 -15.71 10.96
CA ALA B 39 7.83 -16.03 10.77
C ALA B 39 7.26 -15.29 9.58
N PHE B 40 6.64 -16.04 8.67
CA PHE B 40 5.67 -15.53 7.72
C PHE B 40 4.28 -15.83 8.27
N GLU B 41 3.41 -14.82 8.29
CA GLU B 41 2.05 -15.01 8.78
C GLU B 41 1.19 -13.85 8.29
N PRO B 42 -0.13 -14.05 8.18
CA PRO B 42 -1.00 -12.96 7.68
C PRO B 42 -0.85 -11.66 8.44
N GLU B 43 -0.66 -11.73 9.76
CA GLU B 43 -0.53 -10.51 10.56
C GLU B 43 0.69 -9.69 10.16
N ALA B 44 1.68 -10.29 9.51
CA ALA B 44 2.90 -9.59 9.14
C ALA B 44 2.84 -8.96 7.75
N LEU B 45 1.69 -9.07 7.06
CA LEU B 45 1.43 -8.35 5.81
C LEU B 45 2.46 -8.68 4.73
N GLY B 46 2.87 -9.94 4.66
CA GLY B 46 3.80 -10.37 3.65
C GLY B 46 5.27 -10.23 4.00
N ASN B 47 5.57 -9.65 5.15
CA ASN B 47 6.94 -9.46 5.60
C ASN B 47 7.37 -10.62 6.49
N LEU B 48 8.68 -10.86 6.50
CA LEU B 48 9.29 -11.81 7.42
C LEU B 48 9.66 -11.06 8.70
N VAL B 49 9.07 -11.47 9.82
CA VAL B 49 9.37 -10.88 11.12
C VAL B 49 10.34 -11.80 11.85
N GLU B 50 11.25 -11.20 12.59
CA GLU B 50 12.30 -11.92 13.29
C GLU B 50 12.17 -11.67 14.78
N GLY B 51 12.51 -12.69 15.58
CA GLY B 51 12.40 -12.56 17.01
C GLY B 51 10.98 -12.81 17.52
N LEU B 52 10.77 -12.47 18.79
CA LEU B 52 9.52 -12.75 19.47
C LEU B 52 8.72 -11.53 19.86
N ASP B 53 9.29 -10.33 19.78
CA ASP B 53 8.56 -9.13 20.18
C ASP B 53 7.28 -8.94 19.37
N PHE B 54 7.31 -9.33 18.09
CA PHE B 54 6.13 -9.17 17.25
C PHE B 54 4.98 -10.03 17.72
N HIS B 55 5.28 -11.20 18.31
CA HIS B 55 4.24 -12.15 18.65
C HIS B 55 3.62 -11.90 20.01
N ARG B 56 4.31 -11.16 20.89
CA ARG B 56 3.77 -10.87 22.21
C ARG B 56 2.42 -10.15 22.12
N PHE B 57 2.30 -9.23 21.17
CA PHE B 57 1.07 -8.45 21.01
C PHE B 57 -0.16 -9.33 20.92
N TYR B 58 -0.04 -10.53 20.35
CA TYR B 58 -1.18 -11.41 20.17
C TYR B 58 -1.42 -12.32 21.36
N PHE B 59 -0.41 -12.54 22.20
CA PHE B 59 -0.65 -13.23 23.46
C PHE B 59 -1.36 -12.32 24.45
N GLU B 60 -1.18 -11.01 24.33
CA GLU B 60 -1.68 -10.08 25.32
C GLU B 60 -3.08 -9.56 25.01
N ASN B 61 -3.41 -9.36 23.73
CA ASN B 61 -4.70 -8.80 23.33
C ASN B 61 -5.58 -9.86 22.63
N LEU B 62 -5.52 -11.09 23.12
CA LEU B 62 -6.38 -12.15 22.61
C LEU B 62 -6.74 -13.14 23.73
N PRO B 69 -14.12 -20.38 24.32
CA PRO B 69 -15.18 -20.61 23.33
C PRO B 69 -14.61 -21.00 21.97
N VAL B 70 -13.50 -21.75 21.98
CA VAL B 70 -12.74 -22.06 20.77
C VAL B 70 -12.21 -23.48 20.85
N HIS B 71 -12.15 -24.14 19.69
CA HIS B 71 -11.63 -25.50 19.59
C HIS B 71 -10.78 -25.60 18.33
N ASN B 72 -9.61 -26.19 18.46
CA ASN B 72 -8.68 -26.35 17.36
C ASN B 72 -8.58 -27.81 16.96
N THR B 73 -8.57 -28.06 15.65
CA THR B 73 -8.45 -29.41 15.09
C THR B 73 -7.21 -29.43 14.19
N MET B 74 -6.21 -30.22 14.59
CA MET B 74 -4.97 -30.36 13.84
C MET B 74 -5.09 -31.58 12.95
N LEU B 75 -5.13 -31.36 11.63
CA LEU B 75 -5.30 -32.47 10.71
C LEU B 75 -3.97 -33.22 10.58
N ASN B 76 -3.91 -34.16 9.65
N ASN B 76 -3.92 -34.19 9.66
CA ASN B 76 -2.83 -35.14 9.60
CA ASN B 76 -2.80 -35.11 9.48
C ASN B 76 -1.48 -34.51 9.30
C ASN B 76 -1.49 -34.36 9.31
N PRO B 77 -0.58 -34.41 10.27
CA PRO B 77 0.71 -33.73 10.07
C PRO B 77 1.65 -34.55 9.23
N HIS B 78 2.57 -33.85 8.56
CA HIS B 78 3.65 -34.47 7.81
C HIS B 78 4.97 -33.97 8.35
N ILE B 79 5.85 -34.90 8.72
CA ILE B 79 7.14 -34.58 9.33
C ILE B 79 8.26 -34.96 8.38
N HIS B 80 9.20 -34.05 8.18
CA HIS B 80 10.46 -34.34 7.51
C HIS B 80 11.57 -34.31 8.55
N LEU B 81 12.40 -35.35 8.58
CA LEU B 81 13.58 -35.39 9.42
C LEU B 81 14.79 -35.01 8.58
N MET B 82 15.61 -34.09 9.10
CA MET B 82 16.79 -33.59 8.39
C MET B 82 18.01 -33.72 9.31
N GLY B 83 18.40 -34.96 9.57
CA GLY B 83 19.45 -35.20 10.54
C GLY B 83 18.90 -35.35 11.94
N ASP B 84 19.82 -35.64 12.86
CA ASP B 84 19.42 -35.99 14.22
C ASP B 84 18.89 -34.81 15.01
N GLU B 85 19.19 -33.58 14.61
CA GLU B 85 18.83 -32.40 15.39
C GLU B 85 17.98 -31.41 14.60
N SER B 86 17.20 -31.90 13.64
CA SER B 86 16.46 -30.98 12.79
C SER B 86 15.25 -31.70 12.20
N ALA B 87 14.11 -31.02 12.21
CA ALA B 87 12.89 -31.53 11.60
C ALA B 87 12.00 -30.34 11.25
N CYS B 88 11.03 -30.61 10.39
CA CYS B 88 9.98 -29.66 10.09
C CYS B 88 8.66 -30.41 9.98
N ILE B 89 7.59 -29.79 10.47
CA ILE B 89 6.27 -30.41 10.51
C ILE B 89 5.29 -29.48 9.80
N ALA B 90 4.39 -30.05 9.01
CA ALA B 90 3.40 -29.30 8.27
C ALA B 90 2.04 -29.92 8.51
N TYR B 91 1.03 -29.07 8.75
CA TYR B 91 -0.30 -29.57 9.03
C TYR B 91 -1.32 -28.49 8.72
N ILE B 92 -2.54 -28.92 8.49
CA ILE B 92 -3.70 -28.04 8.40
C ILE B 92 -4.29 -27.89 9.80
N ARG B 93 -4.71 -26.68 10.14
CA ARG B 93 -5.37 -26.41 11.41
C ARG B 93 -6.74 -25.82 11.16
N ILE B 94 -7.76 -26.43 11.75
CA ILE B 94 -9.14 -25.96 11.65
C ILE B 94 -9.55 -25.42 13.01
N THR B 95 -10.05 -24.19 13.03
CA THR B 95 -10.44 -23.50 14.25
C THR B 95 -11.94 -23.26 14.25
N GLN B 96 -12.62 -23.79 15.25
CA GLN B 96 -14.03 -23.51 15.48
C GLN B 96 -14.16 -22.44 16.55
N TYR B 97 -14.90 -21.38 16.23
CA TYR B 97 -15.08 -20.26 17.15
C TYR B 97 -16.45 -19.66 16.93
N LEU B 98 -16.80 -18.72 17.81
CA LEU B 98 -18.06 -17.98 17.72
C LEU B 98 -17.74 -16.51 17.53
N ASP B 99 -18.35 -15.89 16.52
CA ASP B 99 -18.09 -14.48 16.23
C ASP B 99 -18.79 -13.57 17.23
N ALA B 100 -18.95 -12.30 16.88
CA ALA B 100 -19.61 -11.36 17.79
C ALA B 100 -21.09 -11.70 17.96
N GLY B 101 -21.78 -11.99 16.86
CA GLY B 101 -23.17 -12.41 16.88
C GLY B 101 -23.45 -13.77 17.47
N GLY B 102 -22.46 -14.42 18.09
CA GLY B 102 -22.68 -15.75 18.66
C GLY B 102 -22.77 -16.87 17.65
N ILE B 103 -22.51 -16.60 16.37
CA ILE B 103 -22.65 -17.62 15.34
C ILE B 103 -21.39 -18.48 15.32
N PRO B 104 -21.50 -19.81 15.36
CA PRO B 104 -20.31 -20.65 15.24
C PRO B 104 -19.72 -20.57 13.84
N ARG B 105 -18.41 -20.43 13.76
CA ARG B 105 -17.72 -20.30 12.49
C ARG B 105 -16.47 -21.18 12.48
N THR B 106 -15.96 -21.42 11.28
CA THR B 106 -14.76 -22.23 11.10
C THR B 106 -13.77 -21.47 10.22
N ALA B 107 -12.49 -21.54 10.59
CA ALA B 107 -11.41 -20.97 9.80
C ALA B 107 -10.31 -22.02 9.62
N GLN B 108 -9.61 -21.94 8.50
CA GLN B 108 -8.54 -22.88 8.19
C GLN B 108 -7.22 -22.14 8.04
N SER B 109 -6.15 -22.77 8.55
CA SER B 109 -4.80 -22.28 8.37
C SER B 109 -3.90 -23.44 7.98
N GLU B 110 -2.84 -23.13 7.25
CA GLU B 110 -1.79 -24.08 6.93
C GLU B 110 -0.52 -23.61 7.62
N GLU B 111 0.16 -24.54 8.31
CA GLU B 111 1.31 -24.16 9.13
C GLU B 111 2.50 -25.05 8.83
N THR B 112 3.66 -24.41 8.66
CA THR B 112 4.95 -25.08 8.62
C THR B 112 5.73 -24.60 9.83
N ARG B 113 6.30 -25.53 10.59
CA ARG B 113 7.14 -25.18 11.72
C ARG B 113 8.46 -25.93 11.61
N VAL B 114 9.56 -25.23 11.88
CA VAL B 114 10.90 -25.78 11.74
C VAL B 114 11.54 -25.85 13.11
N TRP B 115 12.06 -27.02 13.47
CA TRP B 115 12.60 -27.28 14.80
C TRP B 115 14.06 -27.67 14.70
N HIS B 116 14.87 -27.14 15.63
CA HIS B 116 16.30 -27.40 15.68
C HIS B 116 16.69 -27.72 17.12
N ARG B 117 17.24 -28.90 17.34
CA ARG B 117 17.67 -29.31 18.67
C ARG B 117 19.04 -28.70 18.94
N ARG B 118 19.06 -27.63 19.74
CA ARG B 118 20.30 -26.97 20.13
C ARG B 118 20.65 -27.39 21.55
N ASP B 119 21.84 -27.96 21.71
CA ASP B 119 22.33 -28.38 23.03
C ASP B 119 21.34 -29.30 23.73
N GLY B 120 20.72 -30.19 22.96
CA GLY B 120 19.80 -31.16 23.50
C GLY B 120 18.37 -30.68 23.68
N LYS B 121 18.10 -29.39 23.53
CA LYS B 121 16.75 -28.84 23.69
C LYS B 121 16.21 -28.42 22.33
N TRP B 122 14.99 -28.85 22.02
CA TRP B 122 14.37 -28.49 20.75
C TRP B 122 13.93 -27.03 20.77
N GLN B 123 14.35 -26.29 19.75
CA GLN B 123 14.04 -24.87 19.62
C GLN B 123 13.27 -24.63 18.33
N HIS B 124 12.22 -23.80 18.43
CA HIS B 124 11.40 -23.41 17.29
C HIS B 124 12.05 -22.21 16.61
N VAL B 125 12.47 -22.39 15.36
CA VAL B 125 13.31 -21.40 14.69
C VAL B 125 12.64 -20.74 13.51
N HIS B 126 11.58 -21.33 12.93
CA HIS B 126 10.89 -20.67 11.83
C HIS B 126 9.49 -21.24 11.73
N MET B 127 8.54 -20.37 11.42
CA MET B 127 7.17 -20.77 11.15
C MET B 127 6.67 -20.03 9.92
N HIS B 128 5.79 -20.68 9.18
CA HIS B 128 5.12 -20.08 8.03
C HIS B 128 3.64 -20.47 8.13
N ARG B 129 2.78 -19.50 8.37
CA ARG B 129 1.34 -19.73 8.42
C ARG B 129 0.65 -18.98 7.29
N SER B 130 -0.27 -19.66 6.60
CA SER B 130 -1.08 -19.05 5.57
C SER B 130 -2.56 -19.27 5.89
N GLY B 131 -3.41 -18.42 5.35
CA GLY B 131 -4.82 -18.49 5.66
C GLY B 131 -5.35 -17.18 6.22
N ALA B 132 -6.13 -17.26 7.29
CA ALA B 132 -6.70 -16.08 7.92
C ALA B 132 -5.94 -15.70 9.17
N PRO B 133 -6.02 -14.45 9.61
CA PRO B 133 -5.38 -14.06 10.86
C PRO B 133 -5.94 -14.86 12.03
N SER B 134 -5.11 -15.02 13.06
CA SER B 134 -5.46 -15.88 14.18
C SER B 134 -6.63 -15.29 14.97
N VAL B 135 -7.59 -16.15 15.31
CA VAL B 135 -8.75 -15.76 16.09
C VAL B 135 -8.66 -16.34 17.49
N HIS C 3 27.28 26.46 -1.78
CA HIS C 3 25.88 26.12 -1.55
C HIS C 3 25.01 26.57 -2.72
N MET C 4 25.25 27.80 -3.22
CA MET C 4 24.47 28.33 -4.32
C MET C 4 24.77 27.65 -5.64
N VAL C 5 25.92 26.97 -5.77
CA VAL C 5 26.32 26.36 -7.03
C VAL C 5 26.58 24.87 -6.80
N ARG C 6 26.97 24.51 -5.59
CA ARG C 6 27.09 23.09 -5.27
C ARG C 6 25.75 22.37 -5.39
N LYS C 7 24.67 23.01 -4.95
CA LYS C 7 23.34 22.43 -5.15
C LYS C 7 22.97 22.38 -6.63
N GLN C 8 23.45 23.35 -7.41
CA GLN C 8 23.28 23.26 -8.86
C GLN C 8 23.96 22.02 -9.43
N GLU C 9 25.08 21.60 -8.82
CA GLU C 9 25.73 20.37 -9.23
C GLU C 9 24.84 19.17 -8.95
N ILE C 10 24.20 19.13 -7.78
CA ILE C 10 23.31 18.03 -7.44
C ILE C 10 22.09 18.03 -8.38
N ILE C 11 21.59 19.22 -8.72
CA ILE C 11 20.43 19.31 -9.59
C ILE C 11 20.78 18.79 -10.99
N LYS C 12 21.94 19.17 -11.51
CA LYS C 12 22.32 18.72 -12.85
C LYS C 12 22.54 17.22 -12.89
N VAL C 13 23.25 16.67 -11.90
CA VAL C 13 23.50 15.23 -11.87
C VAL C 13 22.20 14.47 -11.82
N ASN C 14 21.29 14.89 -10.93
CA ASN C 14 19.98 14.23 -10.85
C ASN C 14 19.19 14.41 -12.14
N GLN C 15 19.38 15.53 -12.84
CA GLN C 15 18.71 15.73 -14.11
C GLN C 15 19.24 14.79 -15.19
N GLN C 16 20.55 14.50 -15.16
CA GLN C 16 21.11 13.52 -16.08
C GLN C 16 20.52 12.14 -15.81
N LEU C 17 20.27 11.82 -14.54
CA LEU C 17 19.65 10.53 -14.21
C LEU C 17 18.23 10.44 -14.75
N ILE C 18 17.46 11.51 -14.59
CA ILE C 18 16.08 11.53 -15.10
C ILE C 18 16.09 11.45 -16.62
N GLU C 19 17.05 12.10 -17.27
CA GLU C 19 17.18 11.98 -18.72
C GLU C 19 17.40 10.52 -19.14
N ALA C 20 18.31 9.83 -18.44
CA ALA C 20 18.57 8.44 -18.76
C ALA C 20 17.31 7.58 -18.64
N ILE C 21 16.54 7.80 -17.58
CA ILE C 21 15.29 7.07 -17.41
C ILE C 21 14.34 7.35 -18.56
N SER C 22 14.23 8.62 -18.96
CA SER C 22 13.33 8.99 -20.05
C SER C 22 13.77 8.41 -21.38
N ASN C 23 15.08 8.27 -21.60
CA ASN C 23 15.60 7.73 -22.85
C ASN C 23 15.58 6.21 -22.89
N GLY C 24 15.29 5.54 -21.77
CA GLY C 24 15.51 4.11 -21.70
C GLY C 24 16.97 3.74 -21.78
N ASP C 25 17.85 4.64 -21.34
CA ASP C 25 19.30 4.46 -21.45
C ASP C 25 19.78 3.80 -20.16
N PHE C 26 19.71 2.47 -20.12
CA PHE C 26 20.16 1.75 -18.94
C PHE C 26 21.67 1.86 -18.74
N GLU C 27 22.41 2.03 -19.83
CA GLU C 27 23.87 2.17 -19.73
C GLU C 27 24.25 3.37 -18.89
N SER C 28 23.75 4.56 -19.26
CA SER C 28 24.02 5.77 -18.47
C SER C 28 23.49 5.62 -17.05
N TYR C 29 22.33 4.99 -16.89
CA TYR C 29 21.76 4.79 -15.56
C TYR C 29 22.72 4.03 -14.66
N THR C 30 23.24 2.89 -15.15
CA THR C 30 24.17 2.10 -14.35
C THR C 30 25.44 2.87 -14.00
N LYS C 31 25.89 3.75 -14.90
CA LYS C 31 27.09 4.52 -14.61
C LYS C 31 26.86 5.53 -13.51
N MET C 32 25.65 6.08 -13.41
CA MET C 32 25.33 7.08 -12.40
C MET C 32 24.92 6.49 -11.06
N CYS C 33 24.62 5.20 -11.00
CA CYS C 33 24.10 4.58 -9.79
C CYS C 33 25.17 3.72 -9.13
N ASP C 34 25.13 3.68 -7.80
CA ASP C 34 25.98 2.76 -7.07
C ASP C 34 25.43 1.34 -7.19
N PRO C 35 26.30 0.34 -7.42
CA PRO C 35 25.81 -1.03 -7.59
C PRO C 35 25.07 -1.57 -6.37
N GLY C 36 25.27 -0.99 -5.20
CA GLY C 36 24.57 -1.44 -4.01
C GLY C 36 23.44 -0.51 -3.59
N MET C 37 22.90 0.24 -4.54
CA MET C 37 21.83 1.18 -4.23
C MET C 37 20.56 0.42 -3.85
N THR C 38 19.70 1.11 -3.09
CA THR C 38 18.43 0.58 -2.64
C THR C 38 17.31 1.47 -3.11
N ALA C 39 16.08 0.94 -3.07
CA ALA C 39 14.96 1.65 -3.66
C ALA C 39 13.66 1.20 -3.02
N PHE C 40 12.88 2.15 -2.52
CA PHE C 40 11.45 1.98 -2.28
C PHE C 40 10.72 2.56 -3.49
N GLU C 41 9.74 1.83 -4.00
CA GLU C 41 8.95 2.34 -5.11
C GLU C 41 7.69 1.50 -5.25
N PRO C 42 6.63 2.05 -5.86
CA PRO C 42 5.37 1.30 -5.95
C PRO C 42 5.50 -0.06 -6.62
N GLU C 43 6.32 -0.16 -7.67
CA GLU C 43 6.49 -1.44 -8.36
C GLU C 43 7.04 -2.52 -7.45
N ALA C 44 7.75 -2.15 -6.38
CA ALA C 44 8.33 -3.09 -5.45
C ALA C 44 7.35 -3.54 -4.36
N LEU C 45 6.09 -3.11 -4.45
CA LEU C 45 5.01 -3.61 -3.58
C LEU C 45 5.33 -3.44 -2.09
N GLY C 46 5.97 -2.33 -1.75
CA GLY C 46 6.27 -2.02 -0.37
C GLY C 46 7.58 -2.56 0.14
N ASN C 47 8.37 -3.23 -0.70
CA ASN C 47 9.63 -3.83 -0.30
C ASN C 47 10.81 -2.92 -0.66
N LEU C 48 11.94 -3.22 -0.05
CA LEU C 48 13.21 -2.57 -0.38
C LEU C 48 13.98 -3.47 -1.32
N VAL C 49 14.28 -2.97 -2.52
CA VAL C 49 15.04 -3.72 -3.51
C VAL C 49 16.47 -3.19 -3.54
N GLU C 50 17.43 -4.10 -3.70
CA GLU C 50 18.84 -3.77 -3.66
C GLU C 50 19.47 -4.08 -5.01
N GLY C 51 20.36 -3.22 -5.47
CA GLY C 51 20.98 -3.39 -6.76
C GLY C 51 20.10 -2.89 -7.88
N LEU C 52 20.58 -3.09 -9.11
CA LEU C 52 19.98 -2.49 -10.29
C LEU C 52 19.24 -3.49 -11.17
N ASP C 53 19.24 -4.77 -10.81
CA ASP C 53 18.57 -5.77 -11.65
C ASP C 53 17.06 -5.59 -11.66
N PHE C 54 16.49 -5.03 -10.60
CA PHE C 54 15.04 -4.85 -10.54
C PHE C 54 14.58 -3.80 -11.54
N HIS C 55 15.31 -2.69 -11.66
CA HIS C 55 14.95 -1.63 -12.59
C HIS C 55 15.34 -1.95 -14.02
N ARG C 56 16.32 -2.84 -14.22
CA ARG C 56 16.70 -3.26 -15.56
C ARG C 56 15.52 -3.82 -16.32
N PHE C 57 14.60 -4.50 -15.64
CA PHE C 57 13.41 -5.04 -16.31
C PHE C 57 12.60 -3.94 -16.98
N TYR C 58 12.48 -2.78 -16.34
CA TYR C 58 11.65 -1.72 -16.90
C TYR C 58 12.37 -1.00 -18.03
N PHE C 59 13.69 -0.90 -17.96
CA PHE C 59 14.44 -0.34 -19.08
C PHE C 59 14.35 -1.24 -20.30
N GLU C 60 14.44 -2.56 -20.11
CA GLU C 60 14.45 -3.48 -21.24
C GLU C 60 13.11 -3.52 -21.96
N ASN C 61 12.05 -3.81 -21.21
CA ASN C 61 10.79 -4.23 -21.82
C ASN C 61 9.81 -3.08 -22.06
N LEU C 62 9.88 -2.02 -21.27
CA LEU C 62 8.95 -0.90 -21.40
C LEU C 62 9.67 0.33 -21.94
N TRP C 63 10.59 0.89 -21.17
CA TRP C 63 11.23 2.17 -21.52
C TRP C 63 12.13 2.08 -22.74
N SER C 64 12.26 0.89 -23.33
CA SER C 64 12.94 0.71 -24.61
C SER C 64 11.95 0.60 -25.77
N ARG C 65 10.75 1.14 -25.58
CA ARG C 65 9.70 1.12 -26.60
C ARG C 65 9.25 2.56 -26.82
N ASN C 66 10.01 3.30 -27.61
CA ASN C 66 9.66 4.67 -27.98
C ASN C 66 8.49 4.75 -28.96
N SER C 67 7.46 3.90 -28.80
CA SER C 67 6.30 3.93 -29.68
C SER C 67 5.43 5.17 -29.46
N LYS C 68 5.49 5.77 -28.27
CA LYS C 68 4.72 6.96 -27.95
C LYS C 68 5.64 7.96 -27.27
N PRO C 69 5.63 9.22 -27.68
CA PRO C 69 6.42 10.24 -26.97
C PRO C 69 5.85 10.51 -25.59
N VAL C 70 6.75 10.62 -24.62
CA VAL C 70 6.39 10.92 -23.23
C VAL C 70 7.22 12.12 -22.78
N HIS C 71 6.91 12.60 -21.58
CA HIS C 71 7.55 13.81 -21.05
C HIS C 71 7.52 13.78 -19.53
N ASN C 72 8.69 13.87 -18.93
CA ASN C 72 8.84 14.01 -17.49
C ASN C 72 9.10 15.46 -17.11
N THR C 73 8.93 15.76 -15.82
CA THR C 73 9.10 17.12 -15.32
C THR C 73 9.49 17.05 -13.85
N MET C 74 10.63 17.66 -13.51
CA MET C 74 11.05 17.82 -12.12
C MET C 74 10.54 19.17 -11.61
N LEU C 75 9.86 19.15 -10.46
CA LEU C 75 9.20 20.33 -9.91
C LEU C 75 9.86 20.74 -8.61
N ASN C 76 10.40 21.95 -8.57
CA ASN C 76 10.84 22.59 -7.33
C ASN C 76 11.74 21.70 -6.49
N PRO C 77 12.95 21.38 -6.96
CA PRO C 77 13.82 20.47 -6.21
C PRO C 77 14.27 21.12 -4.90
N HIS C 78 14.29 20.32 -3.84
CA HIS C 78 14.81 20.73 -2.56
C HIS C 78 16.04 19.89 -2.25
N ILE C 79 17.16 20.53 -1.98
CA ILE C 79 18.46 19.87 -1.88
C ILE C 79 19.02 20.07 -0.48
N HIS C 80 19.38 18.96 0.17
CA HIS C 80 20.13 18.98 1.41
C HIS C 80 21.58 18.60 1.11
N LEU C 81 22.52 19.25 1.81
CA LEU C 81 23.94 19.01 1.61
C LEU C 81 24.54 18.55 2.94
N MET C 82 25.02 17.31 2.97
CA MET C 82 25.64 16.74 4.16
C MET C 82 27.16 16.72 3.92
N GLY C 83 27.79 17.87 4.20
CA GLY C 83 29.21 17.94 3.95
C GLY C 83 29.52 18.11 2.47
N ASP C 84 30.73 17.70 2.10
CA ASP C 84 31.20 17.85 0.73
C ASP C 84 31.01 16.62 -0.13
N GLU C 85 30.74 15.44 0.47
CA GLU C 85 30.68 14.19 -0.28
C GLU C 85 29.28 13.61 -0.40
N SER C 86 28.27 14.20 0.25
CA SER C 86 26.95 13.60 0.29
C SER C 86 25.86 14.65 0.13
N ALA C 87 24.76 14.25 -0.51
CA ALA C 87 23.65 15.15 -0.74
C ALA C 87 22.37 14.33 -0.88
N CYS C 88 21.24 15.02 -0.76
CA CYS C 88 19.92 14.41 -0.86
C CYS C 88 18.99 15.40 -1.52
N ILE C 89 18.29 14.97 -2.57
CA ILE C 89 17.40 15.82 -3.36
C ILE C 89 16.00 15.22 -3.33
N ALA C 90 15.00 16.07 -3.07
CA ALA C 90 13.61 15.67 -2.99
C ALA C 90 12.77 16.60 -3.85
N TYR C 91 11.84 16.03 -4.61
CA TYR C 91 11.07 16.82 -5.57
C TYR C 91 9.84 16.03 -5.99
N ILE C 92 8.93 16.72 -6.68
CA ILE C 92 7.76 16.11 -7.29
C ILE C 92 8.07 15.88 -8.77
N ARG C 93 7.65 14.73 -9.28
CA ARG C 93 7.88 14.37 -10.68
C ARG C 93 6.55 14.23 -11.38
N ILE C 94 6.38 14.98 -12.48
CA ILE C 94 5.18 14.93 -13.30
C ILE C 94 5.50 14.21 -14.59
N THR C 95 4.63 13.29 -15.00
CA THR C 95 4.85 12.49 -16.20
C THR C 95 3.64 12.61 -17.10
N GLN C 96 3.84 13.13 -18.30
CA GLN C 96 2.82 13.18 -19.33
C GLN C 96 3.06 12.04 -20.32
N TYR C 97 1.98 11.41 -20.77
CA TYR C 97 2.10 10.23 -21.62
C TYR C 97 0.81 10.05 -22.39
N LEU C 98 0.80 9.07 -23.28
CA LEU C 98 -0.38 8.68 -24.05
C LEU C 98 -0.87 7.34 -23.52
N ASP C 99 -2.17 7.26 -23.20
CA ASP C 99 -2.72 6.03 -22.65
C ASP C 99 -3.05 5.00 -23.73
N ALA C 100 -3.87 4.02 -23.38
CA ALA C 100 -4.17 2.94 -24.32
C ALA C 100 -4.87 3.47 -25.57
N GLY C 101 -5.70 4.50 -25.43
CA GLY C 101 -6.44 5.07 -26.53
C GLY C 101 -5.80 6.28 -27.20
N GLY C 102 -4.58 6.65 -26.82
CA GLY C 102 -3.89 7.76 -27.44
C GLY C 102 -4.13 9.12 -26.81
N ILE C 103 -4.72 9.17 -25.62
CA ILE C 103 -5.08 10.44 -24.97
C ILE C 103 -3.93 10.88 -24.08
N PRO C 104 -3.55 12.17 -24.10
CA PRO C 104 -2.55 12.65 -23.14
C PRO C 104 -3.06 12.59 -21.72
N ARG C 105 -2.26 12.00 -20.83
CA ARG C 105 -2.62 11.89 -19.42
C ARG C 105 -1.41 12.28 -18.58
N THR C 106 -1.63 12.42 -17.27
CA THR C 106 -0.60 12.93 -16.38
C THR C 106 -0.56 12.09 -15.11
N ALA C 107 0.65 11.83 -14.62
CA ALA C 107 0.86 11.11 -13.37
C ALA C 107 1.85 11.87 -12.50
N GLN C 108 1.66 11.74 -11.18
CA GLN C 108 2.50 12.42 -10.21
C GLN C 108 3.24 11.40 -9.35
N SER C 109 4.51 11.67 -9.09
CA SER C 109 5.29 10.92 -8.12
C SER C 109 6.02 11.89 -7.22
N GLU C 110 6.31 11.44 -6.01
CA GLU C 110 7.20 12.14 -5.09
C GLU C 110 8.48 11.33 -4.97
N GLU C 111 9.62 11.98 -5.20
CA GLU C 111 10.88 11.27 -5.33
C GLU C 111 11.91 11.83 -4.37
N THR C 112 12.54 10.95 -3.60
CA THR C 112 13.72 11.26 -2.81
C THR C 112 14.89 10.47 -3.40
N ARG C 113 16.00 11.15 -3.67
CA ARG C 113 17.19 10.48 -4.19
C ARG C 113 18.41 10.94 -3.41
N VAL C 114 19.21 9.98 -2.96
CA VAL C 114 20.39 10.24 -2.13
C VAL C 114 21.64 10.00 -2.97
N TRP C 115 22.64 10.85 -2.78
CA TRP C 115 23.85 10.85 -3.61
C TRP C 115 25.10 10.90 -2.75
N HIS C 116 26.09 10.09 -3.13
CA HIS C 116 27.38 10.06 -2.45
C HIS C 116 28.49 10.24 -3.47
N ARG C 117 29.37 11.21 -3.23
CA ARG C 117 30.51 11.46 -4.11
C ARG C 117 31.63 10.49 -3.74
N ARG C 118 31.78 9.44 -4.53
CA ARG C 118 32.77 8.40 -4.30
C ARG C 118 33.77 8.42 -5.44
N ASP C 119 35.05 8.66 -5.11
CA ASP C 119 36.15 8.66 -6.09
C ASP C 119 35.97 9.78 -7.11
N GLY C 120 35.49 10.94 -6.65
CA GLY C 120 35.30 12.07 -7.54
C GLY C 120 34.18 11.91 -8.54
N LYS C 121 33.20 11.07 -8.24
CA LYS C 121 32.02 10.92 -9.09
C LYS C 121 30.80 10.72 -8.20
N TRP C 122 29.71 11.38 -8.54
CA TRP C 122 28.47 11.26 -7.78
C TRP C 122 27.80 9.92 -8.07
N GLN C 123 27.50 9.17 -7.02
CA GLN C 123 26.83 7.88 -7.14
C GLN C 123 25.46 7.93 -6.49
N HIS C 124 24.48 7.33 -7.15
CA HIS C 124 23.11 7.27 -6.64
C HIS C 124 23.02 6.05 -5.71
N VAL C 125 22.78 6.31 -4.41
CA VAL C 125 22.83 5.24 -3.43
C VAL C 125 21.46 4.80 -2.92
N HIS C 126 20.45 5.65 -3.02
CA HIS C 126 19.15 5.27 -2.49
C HIS C 126 18.07 6.19 -3.06
N MET C 127 16.94 5.59 -3.41
CA MET C 127 15.77 6.34 -3.87
C MET C 127 14.54 5.85 -3.13
N HIS C 128 13.60 6.79 -2.92
CA HIS C 128 12.28 6.48 -2.39
C HIS C 128 11.28 7.23 -3.25
N ARG C 129 10.40 6.49 -3.92
CA ARG C 129 9.36 7.08 -4.75
C ARG C 129 7.99 6.70 -4.21
N SER C 130 7.08 7.68 -4.17
CA SER C 130 5.70 7.49 -3.78
C SER C 130 4.80 7.91 -4.93
N GLY C 131 3.64 7.27 -5.02
CA GLY C 131 2.57 7.72 -5.90
C GLY C 131 2.44 6.82 -7.12
N ALA C 132 2.49 7.42 -8.29
CA ALA C 132 2.18 6.72 -9.51
C ALA C 132 3.27 5.72 -9.87
N PRO C 133 2.92 4.47 -10.19
CA PRO C 133 3.91 3.54 -10.74
C PRO C 133 4.10 3.77 -12.24
N SER C 134 5.36 3.78 -12.66
CA SER C 134 5.70 4.02 -14.05
C SER C 134 6.07 2.72 -14.76
N VAL D 5 29.59 -1.07 13.49
CA VAL D 5 29.46 -0.31 14.72
C VAL D 5 28.90 1.08 14.42
N ARG D 6 29.42 1.72 13.37
CA ARG D 6 28.89 3.01 12.96
C ARG D 6 27.45 2.87 12.47
N LYS D 7 27.14 1.77 11.77
CA LYS D 7 25.76 1.50 11.40
C LYS D 7 24.88 1.33 12.63
N GLN D 8 25.43 0.69 13.68
CA GLN D 8 24.65 0.50 14.91
C GLN D 8 24.39 1.82 15.61
N GLU D 9 25.29 2.80 15.47
CA GLU D 9 25.04 4.13 16.01
C GLU D 9 23.91 4.81 15.26
N ILE D 10 23.85 4.63 13.94
CA ILE D 10 22.76 5.18 13.16
C ILE D 10 21.44 4.52 13.56
N ILE D 11 21.49 3.22 13.87
CA ILE D 11 20.28 2.53 14.34
C ILE D 11 19.85 3.09 15.69
N LYS D 12 20.82 3.41 16.56
CA LYS D 12 20.47 3.93 17.88
C LYS D 12 19.89 5.33 17.80
N VAL D 13 20.52 6.21 17.02
CA VAL D 13 20.01 7.58 16.92
C VAL D 13 18.64 7.59 16.23
N ASN D 14 18.44 6.70 15.26
CA ASN D 14 17.16 6.63 14.57
C ASN D 14 16.08 6.06 15.48
N GLN D 15 16.45 5.08 16.32
CA GLN D 15 15.48 4.53 17.27
C GLN D 15 15.16 5.52 18.38
N GLN D 16 16.10 6.39 18.74
CA GLN D 16 15.80 7.45 19.69
C GLN D 16 14.73 8.39 19.13
N LEU D 17 14.81 8.71 17.83
CA LEU D 17 13.77 9.52 17.20
C LEU D 17 12.44 8.79 17.19
N ILE D 18 12.45 7.49 16.93
CA ILE D 18 11.22 6.71 16.92
C ILE D 18 10.61 6.64 18.32
N GLU D 19 11.47 6.56 19.34
CA GLU D 19 10.97 6.63 20.72
C GLU D 19 10.29 7.95 21.00
N ALA D 20 10.94 9.06 20.60
CA ALA D 20 10.34 10.37 20.80
C ALA D 20 8.98 10.47 20.14
N ILE D 21 8.81 9.81 18.99
CA ILE D 21 7.52 9.81 18.30
C ILE D 21 6.50 8.99 19.09
N SER D 22 6.90 7.79 19.53
CA SER D 22 5.97 6.93 20.25
C SER D 22 5.54 7.53 21.58
N ASN D 23 6.38 8.36 22.19
CA ASN D 23 6.04 9.01 23.44
C ASN D 23 5.40 10.37 23.24
N GLY D 24 5.26 10.83 22.00
CA GLY D 24 4.68 12.13 21.74
C GLY D 24 5.50 13.29 22.24
N ASP D 25 6.81 13.09 22.42
CA ASP D 25 7.70 14.12 22.96
C ASP D 25 8.19 14.98 21.80
N PHE D 26 7.54 16.13 21.60
CA PHE D 26 7.92 16.99 20.49
C PHE D 26 9.21 17.77 20.75
N GLU D 27 9.62 17.91 22.01
CA GLU D 27 10.90 18.57 22.29
C GLU D 27 12.06 17.68 21.87
N SER D 28 12.01 16.39 22.25
CA SER D 28 13.01 15.46 21.75
C SER D 28 13.04 15.43 20.23
N TYR D 29 11.86 15.44 19.62
CA TYR D 29 11.77 15.45 18.16
C TYR D 29 12.37 16.72 17.58
N THR D 30 12.09 17.87 18.21
CA THR D 30 12.48 19.15 17.64
C THR D 30 13.99 19.34 17.68
N LYS D 31 14.61 19.07 18.83
CA LYS D 31 16.07 19.21 18.91
C LYS D 31 16.78 18.21 18.02
N MET D 32 16.17 17.03 17.82
CA MET D 32 16.77 15.98 17.02
C MET D 32 16.65 16.21 15.52
N CYS D 33 15.91 17.23 15.11
CA CYS D 33 15.68 17.51 13.70
C CYS D 33 16.19 18.89 13.35
N ASP D 34 16.97 18.98 12.28
CA ASP D 34 17.32 20.26 11.70
C ASP D 34 16.07 21.08 11.46
N PRO D 35 15.98 22.33 11.97
CA PRO D 35 14.77 23.12 11.78
C PRO D 35 14.43 23.42 10.32
N GLY D 36 15.26 22.94 9.39
CA GLY D 36 14.98 23.08 7.98
C GLY D 36 14.72 21.75 7.31
N MET D 37 14.36 20.74 8.10
CA MET D 37 14.10 19.42 7.54
C MET D 37 12.89 19.46 6.62
N THR D 38 12.88 18.54 5.66
CA THR D 38 11.76 18.41 4.73
C THR D 38 11.15 17.02 4.86
N ALA D 39 9.95 16.84 4.30
CA ALA D 39 9.22 15.60 4.50
C ALA D 39 8.26 15.33 3.35
N PHE D 40 8.30 14.10 2.84
CA PHE D 40 7.22 13.51 2.05
C PHE D 40 6.50 12.50 2.93
N GLU D 41 5.18 12.61 3.01
CA GLU D 41 4.40 11.69 3.83
C GLU D 41 2.95 11.73 3.37
N PRO D 42 2.20 10.64 3.60
CA PRO D 42 0.80 10.62 3.13
C PRO D 42 -0.06 11.74 3.67
N GLU D 43 0.21 12.19 4.90
CA GLU D 43 -0.55 13.30 5.47
C GLU D 43 -0.36 14.61 4.71
N ALA D 44 0.69 14.73 3.91
CA ALA D 44 0.94 15.97 3.19
C ALA D 44 0.41 15.94 1.76
N LEU D 45 -0.28 14.86 1.36
CA LEU D 45 -1.01 14.82 0.10
C LEU D 45 -0.09 15.04 -1.11
N GLY D 46 1.10 14.43 -1.06
CA GLY D 46 2.03 14.49 -2.15
C GLY D 46 2.92 15.71 -2.19
N ASN D 47 2.88 16.57 -1.18
CA ASN D 47 3.70 17.77 -1.13
C ASN D 47 4.90 17.55 -0.21
N LEU D 48 5.97 18.29 -0.50
CA LEU D 48 7.12 18.35 0.40
C LEU D 48 6.90 19.47 1.40
N VAL D 49 6.85 19.13 2.67
CA VAL D 49 6.69 20.14 3.71
C VAL D 49 8.04 20.39 4.36
N GLU D 50 8.27 21.63 4.77
CA GLU D 50 9.52 22.06 5.36
C GLU D 50 9.25 22.59 6.76
N GLY D 51 10.26 22.49 7.63
CA GLY D 51 10.10 22.92 9.00
C GLY D 51 9.37 21.90 9.83
N LEU D 52 9.18 22.25 11.11
CA LEU D 52 8.62 21.33 12.08
C LEU D 52 7.22 21.69 12.55
N ASP D 53 6.67 22.83 12.09
CA ASP D 53 5.32 23.21 12.49
C ASP D 53 4.30 22.18 12.02
N PHE D 54 4.44 21.71 10.79
CA PHE D 54 3.50 20.74 10.23
C PHE D 54 3.41 19.50 11.10
N HIS D 55 4.55 19.03 11.60
CA HIS D 55 4.57 17.82 12.42
C HIS D 55 4.15 18.10 13.85
N ARG D 56 4.38 19.33 14.34
CA ARG D 56 3.90 19.71 15.66
C ARG D 56 2.39 19.53 15.77
N PHE D 57 1.67 19.83 14.69
CA PHE D 57 0.22 19.72 14.69
C PHE D 57 -0.23 18.29 14.98
N TYR D 58 0.48 17.30 14.45
CA TYR D 58 0.15 15.90 14.68
C TYR D 58 0.53 15.44 16.07
N PHE D 59 1.63 15.97 16.63
CA PHE D 59 2.01 15.62 18.00
C PHE D 59 0.96 16.07 19.00
N GLU D 60 0.46 17.30 18.84
CA GLU D 60 -0.39 17.90 19.86
C GLU D 60 -1.86 17.49 19.77
N ASN D 61 -2.27 16.76 18.74
CA ASN D 61 -3.70 16.52 18.53
C ASN D 61 -4.03 15.04 18.34
N LEU D 62 -3.21 14.13 18.89
CA LEU D 62 -3.48 12.71 18.83
C LEU D 62 -3.72 12.10 20.21
N TRP D 63 -4.15 12.91 21.18
CA TRP D 63 -4.35 12.41 22.53
C TRP D 63 -5.53 11.45 22.64
N SER D 64 -6.47 11.49 21.68
CA SER D 64 -7.55 10.51 21.64
C SER D 64 -7.04 9.08 21.54
N ARG D 65 -5.77 8.88 21.19
CA ARG D 65 -5.24 7.56 20.91
C ARG D 65 -4.25 7.07 21.94
N ASN D 66 -3.89 7.89 22.93
CA ASN D 66 -3.12 7.38 24.06
C ASN D 66 -3.93 6.31 24.78
N SER D 67 -3.22 5.39 25.44
CA SER D 67 -3.79 4.26 26.17
C SER D 67 -4.39 3.22 25.24
N LYS D 68 -4.55 3.54 23.96
CA LYS D 68 -4.89 2.52 22.98
C LYS D 68 -3.64 1.71 22.65
N PRO D 69 -3.69 0.38 22.81
CA PRO D 69 -2.47 -0.43 22.66
C PRO D 69 -1.97 -0.44 21.22
N VAL D 70 -0.71 -0.05 21.04
CA VAL D 70 -0.05 -0.14 19.74
C VAL D 70 1.39 -0.62 19.96
N HIS D 71 1.97 -1.22 18.92
CA HIS D 71 3.36 -1.66 18.95
C HIS D 71 3.95 -1.50 17.57
N ASN D 72 5.15 -0.95 17.49
CA ASN D 72 5.82 -0.67 16.23
C ASN D 72 7.09 -1.51 16.11
N THR D 73 7.23 -2.17 14.96
CA THR D 73 8.40 -3.00 14.66
C THR D 73 9.14 -2.41 13.46
N MET D 74 10.44 -2.17 13.63
CA MET D 74 11.31 -1.80 12.53
C MET D 74 11.90 -3.06 11.92
N LEU D 75 11.73 -3.24 10.61
CA LEU D 75 12.11 -4.47 9.94
C LEU D 75 13.38 -4.24 9.13
N ASN D 76 14.40 -5.08 9.40
CA ASN D 76 15.65 -5.18 8.64
C ASN D 76 16.06 -3.83 8.04
N PRO D 77 16.63 -2.94 8.84
CA PRO D 77 17.00 -1.62 8.31
C PRO D 77 18.23 -1.71 7.42
N HIS D 78 18.22 -0.94 6.34
CA HIS D 78 19.35 -0.83 5.43
C HIS D 78 19.94 0.57 5.55
N ILE D 79 21.24 0.64 5.78
CA ILE D 79 21.93 1.89 6.09
C ILE D 79 23.02 2.12 5.05
N HIS D 80 22.99 3.29 4.42
CA HIS D 80 24.09 3.77 3.59
C HIS D 80 24.89 4.78 4.40
N LEU D 81 26.20 4.57 4.49
CA LEU D 81 27.10 5.55 5.07
C LEU D 81 27.76 6.34 3.95
N MET D 82 27.92 7.65 4.16
CA MET D 82 28.43 8.55 3.14
C MET D 82 29.42 9.52 3.79
N GLY D 83 30.59 8.99 4.15
CA GLY D 83 31.58 9.73 4.89
C GLY D 83 31.47 9.49 6.38
N ASP D 84 32.03 10.44 7.15
CA ASP D 84 31.99 10.38 8.60
C ASP D 84 30.81 11.14 9.19
N GLU D 85 30.14 11.99 8.42
CA GLU D 85 29.09 12.86 8.96
C GLU D 85 27.79 12.78 8.17
N SER D 86 27.57 11.71 7.42
CA SER D 86 26.35 11.57 6.63
C SER D 86 25.90 10.12 6.61
N ALA D 87 24.58 9.92 6.62
CA ALA D 87 24.01 8.58 6.64
C ALA D 87 22.58 8.63 6.15
N CYS D 88 22.12 7.49 5.62
CA CYS D 88 20.75 7.32 5.15
C CYS D 88 20.28 5.93 5.59
N ILE D 89 19.07 5.86 6.14
CA ILE D 89 18.53 4.60 6.64
C ILE D 89 17.15 4.39 6.03
N ALA D 90 16.87 3.15 5.63
CA ALA D 90 15.61 2.77 5.01
C ALA D 90 15.11 1.48 5.65
N TYR D 91 13.82 1.40 5.91
CA TYR D 91 13.25 0.24 6.59
C TYR D 91 11.74 0.22 6.42
N ILE D 92 11.18 -0.95 6.59
CA ILE D 92 9.74 -1.15 6.65
C ILE D 92 9.29 -1.03 8.10
N ARG D 93 8.26 -0.21 8.33
CA ARG D 93 7.68 -0.07 9.66
C ARG D 93 6.34 -0.79 9.69
N ILE D 94 6.15 -1.65 10.69
CA ILE D 94 4.93 -2.41 10.87
C ILE D 94 4.32 -2.00 12.20
N THR D 95 3.03 -1.67 12.18
CA THR D 95 2.32 -1.18 13.35
C THR D 95 1.20 -2.15 13.69
N GLN D 96 1.25 -2.74 14.88
CA GLN D 96 0.13 -3.52 15.41
C GLN D 96 -0.72 -2.61 16.28
N TYR D 97 -2.04 -2.68 16.08
CA TYR D 97 -2.98 -1.87 16.85
C TYR D 97 -4.29 -2.62 16.97
N LEU D 98 -5.26 -2.00 17.63
CA LEU D 98 -6.59 -2.55 17.81
C LEU D 98 -7.60 -1.63 17.13
N ASP D 99 -8.53 -2.22 16.37
CA ASP D 99 -9.57 -1.40 15.75
C ASP D 99 -10.67 -1.06 16.74
N ALA D 100 -11.87 -0.76 16.25
CA ALA D 100 -12.96 -0.34 17.14
C ALA D 100 -13.49 -1.51 17.96
N GLY D 101 -13.76 -2.65 17.30
CA GLY D 101 -14.17 -3.85 17.99
C GLY D 101 -13.14 -4.54 18.86
N GLY D 102 -11.97 -3.94 19.07
CA GLY D 102 -10.92 -4.61 19.83
C GLY D 102 -10.08 -5.60 19.04
N ILE D 103 -10.32 -5.73 17.75
CA ILE D 103 -9.64 -6.75 16.95
C ILE D 103 -8.24 -6.24 16.58
N PRO D 104 -7.19 -7.03 16.81
CA PRO D 104 -5.85 -6.58 16.42
C PRO D 104 -5.69 -6.50 14.92
N ARG D 105 -5.02 -5.45 14.47
CA ARG D 105 -4.78 -5.21 13.06
C ARG D 105 -3.33 -4.80 12.85
N THR D 106 -2.91 -4.70 11.59
CA THR D 106 -1.54 -4.35 11.27
C THR D 106 -1.52 -3.42 10.06
N ALA D 107 -0.61 -2.45 10.09
CA ALA D 107 -0.41 -1.51 9.00
C ALA D 107 1.08 -1.42 8.68
N GLN D 108 1.38 -1.18 7.41
CA GLN D 108 2.75 -1.13 6.93
C GLN D 108 3.04 0.21 6.29
N SER D 109 4.21 0.76 6.58
CA SER D 109 4.72 1.93 5.90
C SER D 109 6.21 1.73 5.63
N GLU D 110 6.70 2.41 4.61
CA GLU D 110 8.11 2.40 4.26
C GLU D 110 8.71 3.76 4.58
N GLU D 111 9.88 3.76 5.22
CA GLU D 111 10.46 5.01 5.72
C GLU D 111 11.91 5.13 5.28
N THR D 112 12.23 6.28 4.70
CA THR D 112 13.60 6.72 4.47
C THR D 112 13.86 7.92 5.35
N ARG D 113 15.00 7.91 6.05
CA ARG D 113 15.38 9.04 6.88
C ARG D 113 16.84 9.37 6.64
N VAL D 114 17.13 10.64 6.42
CA VAL D 114 18.48 11.10 6.11
C VAL D 114 19.03 11.81 7.33
N TRP D 115 20.24 11.42 7.74
CA TRP D 115 20.87 11.97 8.92
C TRP D 115 22.18 12.65 8.56
N HIS D 116 22.48 13.72 9.31
CA HIS D 116 23.61 14.59 9.03
C HIS D 116 24.13 15.13 10.35
N ARG D 117 25.41 14.90 10.64
CA ARG D 117 26.01 15.41 11.86
C ARG D 117 26.36 16.89 11.67
N ARG D 118 25.63 17.76 12.36
CA ARG D 118 25.93 19.18 12.42
C ARG D 118 26.32 19.54 13.85
N ASP D 119 27.46 20.21 13.99
CA ASP D 119 27.99 20.64 15.29
C ASP D 119 28.14 19.45 16.24
N GLY D 120 28.57 18.32 15.72
CA GLY D 120 28.82 17.16 16.56
C GLY D 120 27.60 16.41 17.01
N LYS D 121 26.45 16.63 16.38
CA LYS D 121 25.22 15.94 16.73
C LYS D 121 24.49 15.49 15.47
N TRP D 122 24.01 14.25 15.48
CA TRP D 122 23.23 13.73 14.37
C TRP D 122 21.92 14.51 14.24
N GLN D 123 21.68 15.07 13.07
CA GLN D 123 20.50 15.87 12.79
C GLN D 123 19.66 15.21 11.72
N HIS D 124 18.34 15.27 11.90
CA HIS D 124 17.37 14.68 10.97
C HIS D 124 16.99 15.73 9.94
N VAL D 125 17.35 15.49 8.68
CA VAL D 125 17.22 16.51 7.64
C VAL D 125 16.12 16.18 6.63
N HIS D 126 15.82 14.91 6.39
CA HIS D 126 14.77 14.59 5.44
C HIS D 126 14.17 13.23 5.77
N MET D 127 12.85 13.14 5.61
CA MET D 127 12.14 11.88 5.74
C MET D 127 11.23 11.69 4.54
N HIS D 128 11.09 10.45 4.11
CA HIS D 128 10.15 10.06 3.07
C HIS D 128 9.36 8.88 3.60
N ARG D 129 8.04 9.02 3.64
CA ARG D 129 7.18 7.96 4.16
C ARG D 129 6.10 7.63 3.13
N SER D 130 5.94 6.35 2.85
CA SER D 130 4.89 5.87 1.96
C SER D 130 4.14 4.74 2.68
N GLY D 131 3.02 4.34 2.09
CA GLY D 131 2.21 3.29 2.69
C GLY D 131 1.15 3.82 3.62
N ALA D 132 0.75 3.02 4.61
CA ALA D 132 -0.34 3.40 5.48
C ALA D 132 -0.03 4.70 6.20
N PRO D 133 -0.94 5.67 6.20
CA PRO D 133 -0.67 6.93 6.89
C PRO D 133 -0.55 6.72 8.39
N SER D 134 0.21 7.60 9.03
CA SER D 134 0.34 7.55 10.48
C SER D 134 -0.92 8.00 11.21
N VAL D 135 -1.93 8.45 10.47
CA VAL D 135 -3.18 8.91 11.06
C VAL D 135 -4.35 8.37 10.26
N HIS E 3 -34.18 -57.54 3.47
CA HIS E 3 -34.39 -56.81 2.22
C HIS E 3 -35.45 -55.73 2.38
N MET E 4 -36.68 -56.05 1.98
CA MET E 4 -37.78 -55.11 2.20
C MET E 4 -38.00 -54.83 3.67
N VAL E 5 -37.57 -55.73 4.55
CA VAL E 5 -37.73 -55.54 5.99
C VAL E 5 -36.52 -54.85 6.60
N ARG E 6 -35.33 -55.07 6.04
CA ARG E 6 -34.10 -54.52 6.62
C ARG E 6 -33.94 -53.04 6.34
N LYS E 7 -34.41 -52.56 5.19
CA LYS E 7 -34.32 -51.14 4.88
C LYS E 7 -35.07 -50.30 5.90
N GLN E 8 -36.12 -50.85 6.49
CA GLN E 8 -36.84 -50.13 7.54
C GLN E 8 -35.99 -49.99 8.79
N GLU E 9 -35.17 -51.00 9.08
CA GLU E 9 -34.26 -50.91 10.22
C GLU E 9 -33.22 -49.82 10.01
N ILE E 10 -32.74 -49.67 8.77
CA ILE E 10 -31.77 -48.61 8.47
C ILE E 10 -32.44 -47.25 8.59
N ILE E 11 -33.66 -47.11 8.06
CA ILE E 11 -34.40 -45.87 8.21
C ILE E 11 -34.60 -45.56 9.69
N LYS E 12 -34.81 -46.59 10.51
CA LYS E 12 -35.05 -46.37 11.93
C LYS E 12 -33.79 -45.88 12.63
N VAL E 13 -32.67 -46.60 12.47
CA VAL E 13 -31.45 -46.21 13.16
C VAL E 13 -31.00 -44.82 12.72
N ASN E 14 -31.19 -44.49 11.43
CA ASN E 14 -30.84 -43.18 10.94
C ASN E 14 -31.78 -42.11 11.48
N GLN E 15 -33.07 -42.45 11.63
CA GLN E 15 -34.00 -41.50 12.23
C GLN E 15 -33.71 -41.29 13.71
N GLN E 16 -33.23 -42.33 14.40
CA GLN E 16 -32.79 -42.16 15.78
C GLN E 16 -31.57 -41.24 15.86
N LEU E 17 -30.66 -41.34 14.89
CA LEU E 17 -29.51 -40.45 14.87
C LEU E 17 -29.95 -39.00 14.68
N ILE E 18 -30.88 -38.76 13.75
CA ILE E 18 -31.39 -37.42 13.53
C ILE E 18 -32.18 -36.93 14.74
N GLU E 19 -32.88 -37.84 15.44
CA GLU E 19 -33.51 -37.47 16.71
C GLU E 19 -32.48 -36.93 17.69
N ALA E 20 -31.36 -37.66 17.85
CA ALA E 20 -30.33 -37.24 18.79
C ALA E 20 -29.74 -35.89 18.40
N ILE E 21 -29.61 -35.64 17.09
CA ILE E 21 -29.11 -34.35 16.61
C ILE E 21 -30.10 -33.25 16.98
N SER E 22 -31.37 -33.43 16.62
CA SER E 22 -32.36 -32.38 16.83
C SER E 22 -32.58 -32.09 18.31
N ASN E 23 -32.43 -33.10 19.17
CA ASN E 23 -32.55 -32.88 20.61
C ASN E 23 -31.29 -32.27 21.22
N GLY E 24 -30.19 -32.20 20.48
CA GLY E 24 -28.93 -31.79 21.06
C GLY E 24 -28.36 -32.80 22.03
N ASP E 25 -28.64 -34.08 21.83
CA ASP E 25 -28.24 -35.15 22.74
C ASP E 25 -26.96 -35.78 22.20
N PHE E 26 -25.81 -35.25 22.64
CA PHE E 26 -24.54 -35.75 22.14
C PHE E 26 -24.26 -37.18 22.61
N GLU E 27 -24.81 -37.56 23.77
CA GLU E 27 -24.55 -38.89 24.31
C GLU E 27 -25.19 -39.98 23.44
N SER E 28 -26.48 -39.84 23.16
CA SER E 28 -27.14 -40.78 22.25
C SER E 28 -26.48 -40.77 20.88
N TYR E 29 -26.15 -39.56 20.38
CA TYR E 29 -25.44 -39.44 19.12
C TYR E 29 -24.15 -40.23 19.12
N THR E 30 -23.35 -40.06 20.18
CA THR E 30 -22.08 -40.77 20.29
C THR E 30 -22.29 -42.28 20.31
N LYS E 31 -23.31 -42.76 21.02
CA LYS E 31 -23.56 -44.20 21.11
C LYS E 31 -23.87 -44.80 19.75
N MET E 32 -24.44 -44.02 18.84
CA MET E 32 -24.74 -44.52 17.50
C MET E 32 -23.57 -44.36 16.54
N CYS E 33 -22.50 -43.68 16.92
CA CYS E 33 -21.40 -43.38 16.02
C CYS E 33 -20.15 -44.17 16.41
N ASP E 34 -19.54 -44.79 15.41
CA ASP E 34 -18.21 -45.35 15.59
C ASP E 34 -17.25 -44.23 16.00
N PRO E 35 -16.36 -44.47 16.97
CA PRO E 35 -15.42 -43.43 17.39
C PRO E 35 -14.49 -42.96 16.27
N GLY E 36 -14.32 -43.74 15.20
CA GLY E 36 -13.45 -43.35 14.12
C GLY E 36 -14.22 -42.93 12.88
N MET E 37 -15.44 -42.44 13.06
CA MET E 37 -16.25 -42.02 11.91
C MET E 37 -15.65 -40.77 11.29
N THR E 38 -15.69 -40.71 9.96
CA THR E 38 -15.20 -39.57 9.21
C THR E 38 -16.36 -38.76 8.64
N ALA E 39 -16.06 -37.53 8.25
CA ALA E 39 -17.12 -36.61 7.84
C ALA E 39 -16.59 -35.60 6.85
N PHE E 40 -17.31 -35.44 5.73
CA PHE E 40 -17.25 -34.26 4.89
C PHE E 40 -18.49 -33.43 5.20
N GLU E 41 -18.31 -32.14 5.43
CA GLU E 41 -19.44 -31.26 5.73
C GLU E 41 -18.99 -29.81 5.53
N PRO E 42 -19.94 -28.90 5.27
CA PRO E 42 -19.54 -27.51 5.01
C PRO E 42 -18.75 -26.89 6.14
N GLU E 43 -19.03 -27.28 7.39
CA GLU E 43 -18.31 -26.72 8.53
C GLU E 43 -16.83 -27.06 8.53
N ALA E 44 -16.42 -28.13 7.84
CA ALA E 44 -15.02 -28.55 7.84
C ALA E 44 -14.23 -27.97 6.67
N LEU E 45 -14.84 -27.13 5.83
CA LEU E 45 -14.14 -26.35 4.81
C LEU E 45 -13.40 -27.24 3.81
N GLY E 46 -14.07 -28.30 3.36
CA GLY E 46 -13.49 -29.19 2.38
C GLY E 46 -12.56 -30.25 2.94
N ASN E 47 -12.33 -30.27 4.24
CA ASN E 47 -11.47 -31.27 4.85
C ASN E 47 -12.28 -32.46 5.34
N LEU E 48 -11.63 -33.61 5.41
CA LEU E 48 -12.22 -34.79 6.04
C LEU E 48 -11.83 -34.80 7.51
N VAL E 49 -12.81 -34.81 8.39
CA VAL E 49 -12.58 -34.78 9.83
C VAL E 49 -12.88 -36.16 10.40
N GLU E 50 -12.04 -36.60 11.33
CA GLU E 50 -12.12 -37.92 11.92
C GLU E 50 -12.34 -37.80 13.42
N GLY E 51 -13.28 -38.57 13.93
CA GLY E 51 -13.63 -38.51 15.34
C GLY E 51 -14.89 -37.69 15.57
N LEU E 52 -15.21 -37.54 16.86
CA LEU E 52 -16.42 -36.84 17.27
C LEU E 52 -16.15 -35.49 17.94
N ASP E 53 -14.89 -35.14 18.20
CA ASP E 53 -14.57 -33.88 18.85
C ASP E 53 -15.07 -32.71 18.01
N PHE E 54 -14.97 -32.81 16.68
CA PHE E 54 -15.36 -31.70 15.81
C PHE E 54 -16.85 -31.42 15.92
N HIS E 55 -17.66 -32.48 15.92
CA HIS E 55 -19.10 -32.29 15.98
C HIS E 55 -19.57 -31.89 17.38
N ARG E 56 -18.79 -32.21 18.41
CA ARG E 56 -19.17 -31.85 19.77
C ARG E 56 -19.30 -30.34 19.94
N PHE E 57 -18.59 -29.56 19.12
CA PHE E 57 -18.67 -28.11 19.21
C PHE E 57 -20.07 -27.61 18.87
N TYR E 58 -20.74 -28.24 17.91
CA TYR E 58 -22.06 -27.79 17.51
C TYR E 58 -23.16 -28.35 18.41
N PHE E 59 -22.90 -29.44 19.14
CA PHE E 59 -23.83 -29.88 20.17
C PHE E 59 -23.77 -28.96 21.38
N GLU E 60 -22.57 -28.50 21.75
CA GLU E 60 -22.38 -27.70 22.95
C GLU E 60 -22.69 -26.22 22.75
N ASN E 61 -22.96 -25.78 21.51
CA ASN E 61 -23.19 -24.35 21.27
C ASN E 61 -24.43 -24.12 20.39
N LEU E 62 -25.37 -25.05 20.36
CA LEU E 62 -26.61 -24.86 19.62
C LEU E 62 -27.80 -25.36 20.43
N LYS E 68 -35.33 -25.14 21.03
CA LYS E 68 -35.55 -24.16 19.96
C LYS E 68 -36.51 -24.71 18.91
N PRO E 69 -37.27 -23.81 18.27
CA PRO E 69 -38.16 -24.24 17.18
C PRO E 69 -37.40 -24.69 15.95
N VAL E 70 -37.13 -25.99 15.86
CA VAL E 70 -36.44 -26.60 14.74
C VAL E 70 -37.20 -27.84 14.31
N HIS E 71 -37.33 -28.04 12.99
CA HIS E 71 -37.97 -29.24 12.47
C HIS E 71 -37.19 -29.72 11.26
N ASN E 72 -36.83 -31.01 11.27
CA ASN E 72 -36.07 -31.64 10.20
C ASN E 72 -36.98 -32.59 9.42
N THR E 73 -36.96 -32.46 8.10
CA THR E 73 -37.76 -33.29 7.20
C THR E 73 -36.83 -34.10 6.32
N MET E 74 -36.83 -35.42 6.50
CA MET E 74 -36.04 -36.33 5.68
C MET E 74 -36.86 -36.74 4.46
N LEU E 75 -36.37 -36.40 3.26
CA LEU E 75 -37.11 -36.58 2.02
C LEU E 75 -36.64 -37.83 1.30
N ASN E 76 -37.53 -38.83 1.19
CA ASN E 76 -37.40 -39.98 0.31
C ASN E 76 -35.99 -40.57 0.34
N PRO E 77 -35.63 -41.29 1.40
CA PRO E 77 -34.28 -41.85 1.47
C PRO E 77 -34.08 -42.98 0.48
N HIS E 78 -32.85 -43.09 -0.02
CA HIS E 78 -32.42 -44.20 -0.87
C HIS E 78 -31.43 -45.02 -0.06
N ILE E 79 -31.71 -46.32 0.09
CA ILE E 79 -30.89 -47.23 0.88
C ILE E 79 -30.23 -48.23 -0.06
N HIS E 80 -28.91 -48.34 0.03
CA HIS E 80 -28.16 -49.41 -0.60
C HIS E 80 -27.81 -50.44 0.47
N LEU E 81 -28.20 -51.68 0.25
CA LEU E 81 -27.81 -52.78 1.12
C LEU E 81 -26.67 -53.55 0.46
N MET E 82 -25.60 -53.77 1.22
CA MET E 82 -24.39 -54.40 0.70
C MET E 82 -24.02 -55.60 1.56
N GLY E 83 -24.96 -56.52 1.69
CA GLY E 83 -24.83 -57.65 2.60
C GLY E 83 -25.71 -57.46 3.81
N ASP E 84 -25.38 -58.22 4.86
CA ASP E 84 -26.14 -58.16 6.10
C ASP E 84 -25.56 -57.19 7.11
N GLU E 85 -24.34 -56.68 6.89
CA GLU E 85 -23.66 -55.87 7.90
C GLU E 85 -23.19 -54.52 7.36
N SER E 86 -23.92 -53.94 6.41
CA SER E 86 -23.48 -52.70 5.81
C SER E 86 -24.63 -52.07 5.03
N ALA E 87 -24.78 -50.76 5.17
CA ALA E 87 -25.82 -50.02 4.45
C ALA E 87 -25.38 -48.59 4.24
N CYS E 88 -25.87 -48.00 3.14
CA CYS E 88 -25.65 -46.60 2.82
C CYS E 88 -26.98 -45.95 2.51
N ILE E 89 -27.28 -44.84 3.18
CA ILE E 89 -28.55 -44.14 3.01
C ILE E 89 -28.27 -42.71 2.58
N ALA E 90 -29.03 -42.24 1.59
CA ALA E 90 -28.86 -40.93 0.99
C ALA E 90 -30.20 -40.24 0.93
N TYR E 91 -30.26 -38.99 1.41
CA TYR E 91 -31.53 -38.29 1.47
C TYR E 91 -31.29 -36.79 1.47
N ILE E 92 -32.27 -36.06 0.95
CA ILE E 92 -32.34 -34.62 1.08
C ILE E 92 -33.01 -34.28 2.41
N ARG E 93 -32.41 -33.39 3.18
CA ARG E 93 -32.99 -32.95 4.44
C ARG E 93 -33.34 -31.47 4.36
N ILE E 94 -34.59 -31.14 4.70
CA ILE E 94 -35.05 -29.77 4.79
C ILE E 94 -35.16 -29.38 6.25
N THR E 95 -34.51 -28.29 6.64
CA THR E 95 -34.50 -27.83 8.01
C THR E 95 -35.34 -26.56 8.12
N GLN E 96 -36.38 -26.60 8.95
CA GLN E 96 -37.21 -25.44 9.24
C GLN E 96 -36.74 -24.84 10.56
N TYR E 97 -36.37 -23.55 10.53
CA TYR E 97 -35.88 -22.87 11.71
C TYR E 97 -36.41 -21.45 11.73
N LEU E 98 -36.29 -20.82 12.89
CA LEU E 98 -36.55 -19.39 13.06
C LEU E 98 -35.19 -18.68 13.12
N ASP E 99 -34.98 -17.72 12.22
CA ASP E 99 -33.70 -17.04 12.17
C ASP E 99 -33.56 -16.03 13.29
N ALA E 100 -32.69 -15.03 13.11
CA ALA E 100 -32.45 -14.05 14.16
C ALA E 100 -33.71 -13.25 14.48
N GLY E 101 -34.36 -12.70 13.45
CA GLY E 101 -35.54 -11.88 13.65
C GLY E 101 -36.84 -12.67 13.75
N GLY E 102 -36.74 -13.96 14.09
CA GLY E 102 -37.90 -14.79 14.28
C GLY E 102 -38.59 -15.25 13.01
N ILE E 103 -38.12 -14.84 11.85
CA ILE E 103 -38.76 -15.22 10.58
C ILE E 103 -38.56 -16.71 10.35
N PRO E 104 -39.58 -17.44 9.91
CA PRO E 104 -39.37 -18.86 9.55
C PRO E 104 -38.56 -18.98 8.26
N ARG E 105 -37.50 -19.78 8.32
CA ARG E 105 -36.65 -20.02 7.16
C ARG E 105 -36.45 -21.51 6.96
N THR E 106 -36.07 -21.88 5.74
CA THR E 106 -35.74 -23.26 5.41
C THR E 106 -34.38 -23.31 4.72
N ALA E 107 -33.65 -24.40 4.99
CA ALA E 107 -32.39 -24.68 4.33
C ALA E 107 -32.38 -26.14 3.90
N GLN E 108 -31.76 -26.41 2.75
CA GLN E 108 -31.67 -27.75 2.22
C GLN E 108 -30.25 -28.26 2.33
N SER E 109 -30.10 -29.52 2.73
CA SER E 109 -28.81 -30.19 2.66
C SER E 109 -29.02 -31.58 2.07
N GLU E 110 -27.96 -32.12 1.51
CA GLU E 110 -27.96 -33.48 0.99
C GLU E 110 -26.99 -34.29 1.85
N GLU E 111 -27.43 -35.46 2.31
CA GLU E 111 -26.65 -36.23 3.26
C GLU E 111 -26.48 -37.66 2.78
N THR E 112 -25.24 -38.15 2.86
CA THR E 112 -24.92 -39.56 2.73
C THR E 112 -24.45 -40.06 4.08
N ARG E 113 -25.00 -41.18 4.54
CA ARG E 113 -24.56 -41.76 5.80
C ARG E 113 -24.35 -43.26 5.61
N VAL E 114 -23.15 -43.72 5.96
CA VAL E 114 -22.77 -45.12 5.83
C VAL E 114 -22.84 -45.79 7.19
N TRP E 115 -23.43 -46.97 7.25
CA TRP E 115 -23.64 -47.70 8.50
C TRP E 115 -23.03 -49.09 8.43
N HIS E 116 -22.41 -49.51 9.52
CA HIS E 116 -21.78 -50.81 9.62
C HIS E 116 -22.25 -51.48 10.91
N ARG E 117 -22.70 -52.74 10.79
CA ARG E 117 -23.20 -53.49 11.94
C ARG E 117 -22.02 -54.20 12.61
N ARG E 118 -21.61 -53.69 13.77
CA ARG E 118 -20.54 -54.29 14.56
C ARG E 118 -21.14 -54.92 15.81
N ASP E 119 -20.96 -56.22 15.95
CA ASP E 119 -21.48 -57.00 17.08
C ASP E 119 -22.99 -56.77 17.25
N GLY E 120 -23.71 -56.88 16.14
CA GLY E 120 -25.15 -56.82 16.16
C GLY E 120 -25.77 -55.44 16.28
N LYS E 121 -24.96 -54.39 16.36
CA LYS E 121 -25.47 -53.03 16.51
C LYS E 121 -24.96 -52.15 15.37
N TRP E 122 -25.86 -51.34 14.83
CA TRP E 122 -25.50 -50.45 13.72
C TRP E 122 -24.67 -49.27 14.22
N GLN E 123 -23.55 -49.03 13.56
CA GLN E 123 -22.65 -47.93 13.89
C GLN E 123 -22.48 -47.01 12.68
N HIS E 124 -22.47 -45.71 12.94
CA HIS E 124 -22.34 -44.69 11.91
C HIS E 124 -20.85 -44.46 11.63
N VAL E 125 -20.41 -44.79 10.42
CA VAL E 125 -18.98 -44.82 10.15
C VAL E 125 -18.52 -43.66 9.27
N HIS E 126 -19.42 -43.13 8.45
CA HIS E 126 -19.03 -42.05 7.56
C HIS E 126 -20.25 -41.24 7.15
N MET E 127 -20.10 -39.92 7.16
CA MET E 127 -21.13 -39.01 6.66
C MET E 127 -20.51 -38.06 5.64
N HIS E 128 -21.35 -37.61 4.71
CA HIS E 128 -20.98 -36.60 3.72
C HIS E 128 -22.20 -35.70 3.56
N ARG E 129 -22.09 -34.44 3.95
CA ARG E 129 -23.19 -33.49 3.84
C ARG E 129 -22.81 -32.36 2.91
N SER E 130 -23.70 -32.03 1.98
CA SER E 130 -23.56 -30.88 1.10
C SER E 130 -24.64 -29.86 1.40
N GLY E 131 -24.36 -28.61 1.06
CA GLY E 131 -25.36 -27.56 1.19
C GLY E 131 -25.00 -26.51 2.22
N ALA E 132 -25.89 -26.30 3.18
CA ALA E 132 -25.82 -25.23 4.17
C ALA E 132 -25.12 -25.69 5.44
N PRO E 133 -24.36 -24.81 6.07
CA PRO E 133 -23.85 -25.10 7.41
C PRO E 133 -24.96 -25.06 8.45
N SER E 134 -24.74 -25.78 9.53
CA SER E 134 -25.73 -25.86 10.61
C SER E 134 -25.56 -24.71 11.60
N MET F 4 13.74 40.95 -7.49
CA MET F 4 13.32 39.92 -6.56
C MET F 4 12.99 40.50 -5.18
N VAL F 5 13.08 41.82 -5.06
CA VAL F 5 12.90 42.46 -3.76
C VAL F 5 11.44 42.83 -3.51
N ARG F 6 10.67 43.10 -4.56
CA ARG F 6 9.23 43.26 -4.39
C ARG F 6 8.55 41.94 -4.06
N LYS F 7 9.19 40.82 -4.38
CA LYS F 7 8.60 39.51 -4.13
C LYS F 7 8.45 39.27 -2.63
N GLN F 8 9.38 39.77 -1.83
CA GLN F 8 9.24 39.67 -0.37
C GLN F 8 8.05 40.49 0.11
N GLU F 9 7.82 41.65 -0.51
CA GLU F 9 6.68 42.47 -0.15
C GLU F 9 5.37 41.78 -0.48
N ILE F 10 5.30 41.10 -1.62
CA ILE F 10 4.09 40.38 -1.99
C ILE F 10 3.86 39.20 -1.06
N ILE F 11 4.94 38.51 -0.69
CA ILE F 11 4.83 37.39 0.24
C ILE F 11 4.29 37.85 1.58
N LYS F 12 4.73 39.02 2.04
CA LYS F 12 4.30 39.52 3.34
C LYS F 12 2.83 39.93 3.32
N VAL F 13 2.42 40.69 2.30
CA VAL F 13 1.03 41.12 2.20
C VAL F 13 0.10 39.92 2.13
N ASN F 14 0.44 38.95 1.28
CA ASN F 14 -0.38 37.75 1.17
C ASN F 14 -0.36 36.94 2.45
N GLN F 15 0.77 36.93 3.16
CA GLN F 15 0.82 36.26 4.46
C GLN F 15 -0.10 36.93 5.46
N GLN F 16 -0.21 38.25 5.40
CA GLN F 16 -1.17 38.96 6.26
C GLN F 16 -2.60 38.53 5.93
N LEU F 17 -2.92 38.48 4.64
CA LEU F 17 -4.25 38.04 4.23
C LEU F 17 -4.53 36.62 4.71
N ILE F 18 -3.53 35.74 4.61
CA ILE F 18 -3.68 34.38 5.10
C ILE F 18 -3.95 34.37 6.60
N GLU F 19 -3.23 35.19 7.36
CA GLU F 19 -3.43 35.21 8.81
C GLU F 19 -4.81 35.77 9.17
N ALA F 20 -5.23 36.83 8.49
CA ALA F 20 -6.57 37.36 8.71
C ALA F 20 -7.63 36.29 8.42
N ILE F 21 -7.39 35.46 7.42
CA ILE F 21 -8.32 34.37 7.10
C ILE F 21 -8.29 33.32 8.20
N SER F 22 -7.10 32.93 8.65
CA SER F 22 -6.98 31.91 9.68
C SER F 22 -7.53 32.37 11.02
N ASN F 23 -7.67 33.67 11.23
CA ASN F 23 -8.22 34.21 12.47
C ASN F 23 -9.72 34.49 12.38
N GLY F 24 -10.33 34.34 11.22
CA GLY F 24 -11.71 34.79 11.05
C GLY F 24 -11.87 36.29 11.14
N ASP F 25 -10.80 37.04 10.87
CA ASP F 25 -10.79 38.50 11.02
C ASP F 25 -11.31 39.13 9.73
N PHE F 26 -12.64 39.21 9.63
CA PHE F 26 -13.26 39.66 8.39
C PHE F 26 -13.02 41.14 8.11
N GLU F 27 -12.73 41.95 9.14
CA GLU F 27 -12.49 43.36 8.91
C GLU F 27 -11.08 43.63 8.38
N SER F 28 -10.08 42.96 8.93
CA SER F 28 -8.75 43.02 8.34
C SER F 28 -8.77 42.49 6.92
N TYR F 29 -9.55 41.44 6.67
CA TYR F 29 -9.72 40.91 5.32
C TYR F 29 -10.30 41.97 4.40
N THR F 30 -11.40 42.60 4.81
CA THR F 30 -12.04 43.61 3.98
C THR F 30 -11.12 44.80 3.75
N LYS F 31 -10.34 45.18 4.76
CA LYS F 31 -9.39 46.29 4.59
C LYS F 31 -8.42 46.02 3.46
N MET F 32 -8.07 44.75 3.23
CA MET F 32 -7.08 44.38 2.23
C MET F 32 -7.68 44.11 0.85
N CYS F 33 -8.99 44.13 0.72
CA CYS F 33 -9.66 43.72 -0.50
C CYS F 33 -10.35 44.88 -1.20
N ASP F 34 -10.20 44.92 -2.52
CA ASP F 34 -11.00 45.81 -3.35
C ASP F 34 -12.47 45.47 -3.18
N PRO F 35 -13.35 46.46 -3.04
CA PRO F 35 -14.78 46.16 -2.88
C PRO F 35 -15.40 45.48 -4.08
N GLY F 36 -14.79 45.59 -5.26
CA GLY F 36 -15.29 44.92 -6.44
C GLY F 36 -14.43 43.74 -6.85
N MET F 37 -13.80 43.09 -5.86
CA MET F 37 -12.96 41.94 -6.16
C MET F 37 -13.81 40.78 -6.66
N THR F 38 -13.19 39.96 -7.51
CA THR F 38 -13.83 38.76 -8.02
C THR F 38 -13.18 37.52 -7.43
N ALA F 39 -13.88 36.40 -7.54
CA ALA F 39 -13.42 35.17 -6.92
C ALA F 39 -13.98 33.96 -7.66
N PHE F 40 -13.10 33.02 -8.00
CA PHE F 40 -13.46 31.65 -8.34
C PHE F 40 -13.03 30.75 -7.19
N GLU F 41 -13.95 29.92 -6.69
CA GLU F 41 -13.62 29.09 -5.54
C GLU F 41 -14.61 27.94 -5.45
N PRO F 42 -14.21 26.80 -4.88
CA PRO F 42 -15.14 25.65 -4.80
C PRO F 42 -16.43 25.97 -4.09
N GLU F 43 -16.38 26.78 -3.03
CA GLU F 43 -17.60 27.14 -2.30
C GLU F 43 -18.59 27.91 -3.16
N ALA F 44 -18.14 28.51 -4.27
CA ALA F 44 -19.02 29.24 -5.17
C ALA F 44 -19.52 28.38 -6.33
N LEU F 45 -19.22 27.09 -6.30
N LEU F 45 -19.15 27.10 -6.38
CA LEU F 45 -19.42 26.18 -7.41
CA LEU F 45 -19.73 26.14 -7.34
C LEU F 45 -18.77 26.77 -8.64
C LEU F 45 -19.63 26.61 -8.79
N GLY F 46 -19.46 26.74 -9.79
N GLY F 46 -18.45 27.11 -9.18
CA GLY F 46 -18.88 27.29 -10.99
CA GLY F 46 -18.18 27.48 -10.55
C GLY F 46 -19.17 28.75 -11.24
C GLY F 46 -18.54 28.91 -10.91
N ASN F 47 -19.48 29.53 -10.20
CA ASN F 47 -19.82 30.93 -10.39
C ASN F 47 -18.63 31.85 -10.12
N LEU F 48 -18.60 32.97 -10.84
CA LEU F 48 -17.66 34.05 -10.56
C LEU F 48 -18.34 35.00 -9.59
N VAL F 49 -17.79 35.10 -8.38
CA VAL F 49 -18.40 35.85 -7.29
C VAL F 49 -17.77 37.23 -7.23
N GLU F 50 -18.61 38.27 -7.15
CA GLU F 50 -18.16 39.65 -7.09
C GLU F 50 -18.55 40.25 -5.75
N GLY F 51 -17.65 41.05 -5.17
CA GLY F 51 -17.91 41.66 -3.89
C GLY F 51 -17.42 40.79 -2.74
N LEU F 52 -17.82 41.20 -1.52
CA LEU F 52 -17.39 40.52 -0.32
C LEU F 52 -18.51 39.89 0.49
N ASP F 53 -19.77 40.12 0.13
CA ASP F 53 -20.88 39.55 0.90
C ASP F 53 -20.80 38.03 0.95
N PHE F 54 -20.41 37.40 -0.16
CA PHE F 54 -20.40 35.94 -0.23
C PHE F 54 -19.36 35.34 0.71
N HIS F 55 -18.23 36.01 0.91
CA HIS F 55 -17.17 35.47 1.76
C HIS F 55 -17.49 35.58 3.24
N ARG F 56 -18.46 36.41 3.61
CA ARG F 56 -18.78 36.63 5.02
C ARG F 56 -19.10 35.32 5.73
N PHE F 57 -19.87 34.43 5.07
CA PHE F 57 -20.40 33.24 5.73
C PHE F 57 -19.30 32.38 6.33
N TYR F 58 -18.13 32.34 5.71
CA TYR F 58 -17.08 31.45 6.15
C TYR F 58 -16.22 32.06 7.25
N PHE F 59 -16.15 33.38 7.33
CA PHE F 59 -15.51 34.03 8.48
C PHE F 59 -16.38 33.90 9.72
N GLU F 60 -17.70 33.94 9.56
CA GLU F 60 -18.60 33.88 10.70
C GLU F 60 -18.83 32.47 11.22
N ASN F 61 -18.63 31.45 10.38
CA ASN F 61 -18.96 30.08 10.76
C ASN F 61 -17.75 29.17 10.91
N LEU F 62 -16.57 29.61 10.49
CA LEU F 62 -15.32 28.87 10.75
C LEU F 62 -14.11 29.74 10.47
N LYS F 68 -10.46 23.09 16.79
CA LYS F 68 -10.42 24.53 16.90
C LYS F 68 -9.21 25.18 16.17
N PRO F 69 -7.99 24.69 16.37
CA PRO F 69 -6.85 25.28 15.66
C PRO F 69 -6.84 24.90 14.19
N VAL F 70 -6.49 25.86 13.34
CA VAL F 70 -6.42 25.68 11.90
C VAL F 70 -5.18 26.40 11.40
N HIS F 71 -4.29 25.68 10.72
CA HIS F 71 -3.04 26.23 10.20
C HIS F 71 -3.07 26.23 8.68
N ASN F 72 -2.95 27.42 8.10
CA ASN F 72 -2.92 27.59 6.66
C ASN F 72 -1.48 27.88 6.23
N THR F 73 -0.96 27.06 5.32
CA THR F 73 0.45 27.06 4.97
C THR F 73 0.63 27.37 3.48
N MET F 74 1.56 28.27 3.19
CA MET F 74 1.93 28.60 1.81
C MET F 74 3.13 27.77 1.41
N LEU F 75 3.03 27.04 0.30
CA LEU F 75 4.09 26.16 -0.18
C LEU F 75 4.70 26.72 -1.46
N ASN F 76 6.00 27.02 -1.41
CA ASN F 76 6.82 27.47 -2.54
C ASN F 76 6.06 28.42 -3.44
N PRO F 77 5.75 29.63 -2.97
CA PRO F 77 4.96 30.56 -3.80
C PRO F 77 5.74 31.01 -5.02
N HIS F 78 4.99 31.33 -6.08
CA HIS F 78 5.54 31.91 -7.29
C HIS F 78 4.91 33.28 -7.49
N ILE F 79 5.74 34.30 -7.69
CA ILE F 79 5.29 35.68 -7.79
C ILE F 79 5.61 36.20 -9.18
N HIS F 80 4.63 36.82 -9.82
CA HIS F 80 4.82 37.56 -11.07
C HIS F 80 4.68 39.04 -10.77
N LEU F 81 5.77 39.79 -10.92
CA LEU F 81 5.74 41.23 -10.82
C LEU F 81 5.46 41.81 -12.20
N MET F 82 4.42 42.63 -12.31
CA MET F 82 4.01 43.23 -13.57
C MET F 82 4.07 44.75 -13.43
N GLY F 83 5.14 45.33 -13.97
CA GLY F 83 5.37 46.75 -13.75
C GLY F 83 5.67 47.02 -12.29
N ASP F 84 5.10 48.11 -11.77
CA ASP F 84 5.31 48.50 -10.38
C ASP F 84 4.03 48.58 -9.56
N GLU F 85 2.87 48.40 -10.16
CA GLU F 85 1.59 48.50 -9.46
C GLU F 85 0.87 47.17 -9.34
N SER F 86 1.39 46.10 -9.92
CA SER F 86 0.61 44.88 -10.10
C SER F 86 1.45 43.64 -9.84
N ALA F 87 0.87 42.69 -9.11
CA ALA F 87 1.54 41.44 -8.81
C ALA F 87 0.54 40.30 -8.85
N CYS F 88 1.05 39.11 -9.14
CA CYS F 88 0.29 37.87 -9.10
C CYS F 88 1.09 36.86 -8.30
N ILE F 89 0.42 36.16 -7.38
CA ILE F 89 1.07 35.16 -6.55
C ILE F 89 0.26 33.87 -6.65
N ALA F 90 0.97 32.75 -6.87
CA ALA F 90 0.34 31.45 -7.02
C ALA F 90 1.10 30.45 -6.16
N TYR F 91 0.35 29.57 -5.49
CA TYR F 91 0.95 28.69 -4.52
C TYR F 91 -0.05 27.61 -4.13
N ILE F 92 0.47 26.51 -3.63
CA ILE F 92 -0.33 25.48 -2.99
C ILE F 92 -0.50 25.85 -1.53
N ARG F 93 -1.74 25.83 -1.06
CA ARG F 93 -2.03 26.08 0.34
C ARG F 93 -2.39 24.78 1.03
N ILE F 94 -1.68 24.46 2.10
CA ILE F 94 -1.92 23.27 2.89
C ILE F 94 -2.62 23.69 4.17
N THR F 95 -3.80 23.12 4.42
CA THR F 95 -4.60 23.46 5.59
C THR F 95 -4.65 22.26 6.53
N GLN F 96 -4.09 22.42 7.72
CA GLN F 96 -4.22 21.45 8.79
C GLN F 96 -5.36 21.85 9.70
N TYR F 97 -6.29 20.93 9.95
CA TYR F 97 -7.44 21.18 10.79
C TYR F 97 -7.78 19.91 11.56
N LEU F 98 -8.72 20.05 12.50
CA LEU F 98 -9.26 18.92 13.23
C LEU F 98 -10.65 18.58 12.68
N ASP F 99 -10.91 17.29 12.48
CA ASP F 99 -12.23 16.85 12.05
C ASP F 99 -13.17 16.80 13.25
N ALA F 100 -14.28 16.07 13.12
CA ALA F 100 -15.29 16.05 14.17
C ALA F 100 -14.77 15.38 15.43
N GLY F 101 -13.97 14.34 15.29
CA GLY F 101 -13.38 13.65 16.42
C GLY F 101 -12.10 14.25 16.97
N GLY F 102 -11.71 15.43 16.50
CA GLY F 102 -10.46 16.03 16.94
C GLY F 102 -9.24 15.41 16.31
N ILE F 103 -9.39 14.73 15.18
CA ILE F 103 -8.26 14.07 14.53
C ILE F 103 -7.61 15.03 13.55
N PRO F 104 -6.28 15.14 13.53
CA PRO F 104 -5.61 16.03 12.57
C PRO F 104 -5.87 15.56 11.14
N ARG F 105 -6.29 16.51 10.31
CA ARG F 105 -6.53 16.26 8.90
C ARG F 105 -5.87 17.35 8.08
N THR F 106 -5.62 17.05 6.80
CA THR F 106 -4.94 17.95 5.90
C THR F 106 -5.74 18.09 4.61
N ALA F 107 -5.91 19.32 4.16
CA ALA F 107 -6.52 19.61 2.87
C ALA F 107 -5.56 20.45 2.03
N GLN F 108 -5.61 20.25 0.73
CA GLN F 108 -4.81 21.02 -0.22
C GLN F 108 -5.73 21.84 -1.12
N SER F 109 -5.30 23.06 -1.44
CA SER F 109 -5.92 23.82 -2.50
C SER F 109 -4.84 24.57 -3.26
N GLU F 110 -5.14 24.92 -4.50
CA GLU F 110 -4.29 25.77 -5.32
C GLU F 110 -4.92 27.15 -5.39
N GLU F 111 -4.12 28.19 -5.13
CA GLU F 111 -4.64 29.54 -4.99
C GLU F 111 -3.85 30.50 -5.87
N THR F 112 -4.59 31.33 -6.59
CA THR F 112 -4.05 32.46 -7.35
C THR F 112 -4.67 33.73 -6.80
N ARG F 113 -3.84 34.67 -6.38
CA ARG F 113 -4.32 35.95 -5.89
C ARG F 113 -3.64 37.08 -6.66
N VAL F 114 -4.42 38.06 -7.09
CA VAL F 114 -3.94 39.17 -7.91
C VAL F 114 -4.04 40.44 -7.08
N TRP F 115 -2.96 41.22 -7.06
CA TRP F 115 -2.84 42.37 -6.18
C TRP F 115 -2.56 43.64 -6.98
N HIS F 116 -3.19 44.73 -6.57
CA HIS F 116 -3.04 46.04 -7.20
C HIS F 116 -2.58 47.06 -6.18
N ARG F 117 -1.55 47.82 -6.52
CA ARG F 117 -0.96 48.79 -5.61
C ARG F 117 -1.64 50.15 -5.79
N ARG F 118 -2.29 50.63 -4.73
CA ARG F 118 -2.96 51.94 -4.74
C ARG F 118 -2.48 52.75 -3.56
N ASP F 119 -1.92 53.93 -3.84
CA ASP F 119 -1.46 54.86 -2.81
C ASP F 119 -0.59 54.15 -1.77
N GLY F 120 0.38 53.39 -2.26
CA GLY F 120 1.34 52.71 -1.41
C GLY F 120 0.85 51.43 -0.76
N LYS F 121 -0.45 51.16 -0.78
CA LYS F 121 -1.01 49.97 -0.15
C LYS F 121 -1.51 49.00 -1.22
N TRP F 122 -1.30 47.71 -0.97
CA TRP F 122 -1.75 46.67 -1.88
C TRP F 122 -3.20 46.31 -1.57
N GLN F 123 -4.00 46.17 -2.63
CA GLN F 123 -5.39 45.76 -2.52
C GLN F 123 -5.60 44.49 -3.33
N HIS F 124 -6.43 43.59 -2.80
CA HIS F 124 -6.70 42.29 -3.40
C HIS F 124 -7.90 42.39 -4.34
N VAL F 125 -7.66 42.17 -5.64
CA VAL F 125 -8.67 42.41 -6.65
C VAL F 125 -9.26 41.14 -7.22
N HIS F 126 -8.54 40.01 -7.20
CA HIS F 126 -9.10 38.79 -7.75
C HIS F 126 -8.39 37.59 -7.14
N MET F 127 -9.17 36.55 -6.84
CA MET F 127 -8.63 35.29 -6.37
C MET F 127 -9.24 34.15 -7.16
N HIS F 128 -8.45 33.09 -7.30
CA HIS F 128 -8.91 31.83 -7.88
C HIS F 128 -8.40 30.71 -7.00
N ARG F 129 -9.31 29.92 -6.46
CA ARG F 129 -8.95 28.77 -5.63
C ARG F 129 -9.60 27.52 -6.21
N SER F 130 -8.82 26.45 -6.32
CA SER F 130 -9.33 25.17 -6.76
C SER F 130 -8.89 24.09 -5.77
N GLY F 131 -9.60 22.96 -5.81
CA GLY F 131 -9.30 21.86 -4.90
C GLY F 131 -10.34 21.67 -3.82
N ALA F 132 -9.95 21.95 -2.57
CA ALA F 132 -10.74 21.72 -1.37
C ALA F 132 -11.48 22.99 -0.94
N PRO F 133 -12.75 22.85 -0.52
CA PRO F 133 -13.51 23.96 0.06
C PRO F 133 -13.08 24.30 1.49
N PRO G 2 -9.96 55.49 -22.98
CA PRO G 2 -9.47 55.25 -21.61
C PRO G 2 -9.56 53.79 -21.20
N HIS G 3 -10.05 53.55 -19.98
CA HIS G 3 -10.06 52.19 -19.43
C HIS G 3 -11.01 51.28 -20.19
N MET G 4 -12.03 51.83 -20.84
CA MET G 4 -12.90 51.00 -21.68
C MET G 4 -12.16 50.52 -22.92
N VAL G 5 -11.27 51.36 -23.47
CA VAL G 5 -10.42 50.92 -24.57
C VAL G 5 -9.53 49.77 -24.14
N ARG G 6 -9.01 49.84 -22.91
CA ARG G 6 -8.13 48.78 -22.41
C ARG G 6 -8.88 47.47 -22.24
N LYS G 7 -10.11 47.53 -21.74
CA LYS G 7 -10.89 46.31 -21.53
C LYS G 7 -11.19 45.61 -22.85
N GLN G 8 -11.52 46.38 -23.88
CA GLN G 8 -11.73 45.76 -25.20
C GLN G 8 -10.41 45.25 -25.78
N GLU G 9 -9.30 45.91 -25.47
CA GLU G 9 -8.00 45.40 -25.90
C GLU G 9 -7.69 44.06 -25.23
N ILE G 10 -7.97 43.95 -23.93
CA ILE G 10 -7.69 42.72 -23.20
C ILE G 10 -8.60 41.59 -23.68
N ILE G 11 -9.87 41.90 -23.96
CA ILE G 11 -10.78 40.88 -24.44
C ILE G 11 -10.34 40.38 -25.82
N LYS G 12 -9.82 41.28 -26.65
CA LYS G 12 -9.36 40.87 -27.97
C LYS G 12 -8.10 40.01 -27.87
N VAL G 13 -7.11 40.45 -27.09
CA VAL G 13 -5.91 39.67 -26.89
C VAL G 13 -6.25 38.29 -26.34
N ASN G 14 -7.23 38.22 -25.43
CA ASN G 14 -7.56 36.95 -24.80
C ASN G 14 -8.35 36.05 -25.75
N GLN G 15 -9.24 36.62 -26.56
CA GLN G 15 -9.94 35.80 -27.54
C GLN G 15 -9.00 35.33 -28.64
N GLN G 16 -7.93 36.09 -28.90
CA GLN G 16 -6.87 35.58 -29.77
C GLN G 16 -6.22 34.35 -29.16
N LEU G 17 -5.93 34.39 -27.86
CA LEU G 17 -5.35 33.25 -27.18
C LEU G 17 -6.28 32.04 -27.27
N ILE G 18 -7.57 32.24 -26.99
CA ILE G 18 -8.54 31.15 -27.04
C ILE G 18 -8.66 30.59 -28.45
N GLU G 19 -8.55 31.46 -29.47
CA GLU G 19 -8.56 30.97 -30.85
C GLU G 19 -7.34 30.11 -31.14
N ALA G 20 -6.16 30.54 -30.69
CA ALA G 20 -4.96 29.70 -30.85
C ALA G 20 -5.08 28.41 -30.06
N ILE G 21 -5.77 28.45 -28.91
CA ILE G 21 -6.04 27.23 -28.15
C ILE G 21 -6.89 26.28 -28.98
N SER G 22 -8.02 26.78 -29.50
CA SER G 22 -8.94 25.94 -30.24
C SER G 22 -8.35 25.45 -31.56
N ASN G 23 -7.26 26.06 -32.03
CA ASN G 23 -6.61 25.64 -33.27
C ASN G 23 -5.55 24.58 -33.05
N GLY G 24 -5.01 24.45 -31.83
CA GLY G 24 -3.80 23.69 -31.67
C GLY G 24 -2.58 24.38 -32.23
N ASP G 25 -2.67 25.69 -32.45
CA ASP G 25 -1.58 26.51 -32.96
C ASP G 25 -0.68 26.89 -31.80
N PHE G 26 0.29 26.02 -31.50
CA PHE G 26 1.22 26.29 -30.42
C PHE G 26 2.18 27.42 -30.77
N GLU G 27 2.32 27.74 -32.05
CA GLU G 27 3.24 28.81 -32.46
C GLU G 27 2.79 30.15 -31.91
N SER G 28 1.55 30.56 -32.22
CA SER G 28 1.04 31.82 -31.69
C SER G 28 0.88 31.78 -30.18
N TYR G 29 0.58 30.60 -29.62
CA TYR G 29 0.47 30.48 -28.17
C TYR G 29 1.79 30.86 -27.49
N THR G 30 2.90 30.28 -27.97
CA THR G 30 4.21 30.63 -27.45
C THR G 30 4.51 32.12 -27.65
N LYS G 31 4.06 32.68 -28.79
CA LYS G 31 4.25 34.10 -29.04
C LYS G 31 3.57 34.93 -27.96
N MET G 32 2.31 34.64 -27.67
CA MET G 32 1.49 35.42 -26.75
C MET G 32 1.75 35.11 -25.28
N CYS G 33 2.64 34.17 -24.97
CA CYS G 33 2.86 33.75 -23.59
C CYS G 33 4.29 34.06 -23.16
N ASP G 34 4.41 34.54 -21.92
CA ASP G 34 5.73 34.70 -21.32
C ASP G 34 6.40 33.33 -21.19
N PRO G 35 7.68 33.21 -21.54
CA PRO G 35 8.37 31.92 -21.36
C PRO G 35 8.39 31.45 -19.93
N GLY G 36 8.24 32.34 -18.95
CA GLY G 36 8.21 31.97 -17.56
C GLY G 36 6.81 32.02 -16.98
N MET G 37 5.81 31.74 -17.81
CA MET G 37 4.45 31.68 -17.30
C MET G 37 4.28 30.46 -16.40
N THR G 38 3.35 30.58 -15.45
CA THR G 38 2.98 29.49 -14.58
C THR G 38 1.52 29.12 -14.82
N ALA G 39 1.14 27.91 -14.38
CA ALA G 39 -0.18 27.40 -14.71
C ALA G 39 -0.69 26.47 -13.61
N PHE G 40 -1.90 26.75 -13.14
CA PHE G 40 -2.72 25.80 -12.41
C PHE G 40 -3.79 25.29 -13.37
N GLU G 41 -3.94 23.97 -13.47
CA GLU G 41 -4.92 23.37 -14.36
C GLU G 41 -5.15 21.93 -13.93
N PRO G 42 -6.32 21.37 -14.24
CA PRO G 42 -6.61 20.00 -13.79
C PRO G 42 -5.59 18.98 -14.28
N GLU G 43 -5.12 19.12 -15.51
CA GLU G 43 -4.11 18.20 -16.04
C GLU G 43 -2.82 18.22 -15.23
N ALA G 44 -2.58 19.28 -14.44
CA ALA G 44 -1.36 19.38 -13.66
C ALA G 44 -1.48 18.78 -12.27
N LEU G 45 -2.66 18.26 -11.91
CA LEU G 45 -2.84 17.46 -10.70
C LEU G 45 -2.54 18.25 -9.43
N GLY G 46 -2.97 19.51 -9.40
CA GLY G 46 -2.77 20.36 -8.25
C GLY G 46 -1.40 20.99 -8.14
N ASN G 47 -0.54 20.82 -9.13
CA ASN G 47 0.78 21.43 -9.11
C ASN G 47 0.79 22.69 -9.98
N LEU G 48 1.70 23.59 -9.64
CA LEU G 48 1.98 24.75 -10.46
C LEU G 48 3.10 24.40 -11.43
N VAL G 49 2.82 24.45 -12.72
CA VAL G 49 3.81 24.15 -13.75
C VAL G 49 4.29 25.45 -14.37
N GLU G 50 5.59 25.53 -14.64
CA GLU G 50 6.22 26.73 -15.17
C GLU G 50 6.81 26.42 -16.53
N GLY G 51 6.66 27.37 -17.46
CA GLY G 51 7.16 27.18 -18.81
C GLY G 51 6.09 26.64 -19.75
N LEU G 52 6.52 26.35 -20.98
CA LEU G 52 5.59 25.94 -22.01
C LEU G 52 5.77 24.51 -22.50
N ASP G 53 6.81 23.80 -22.07
CA ASP G 53 6.98 22.40 -22.48
C ASP G 53 5.77 21.57 -22.06
N PHE G 54 5.30 21.75 -20.83
CA PHE G 54 4.16 20.98 -20.34
C PHE G 54 2.94 21.18 -21.22
N HIS G 55 2.72 22.41 -21.68
CA HIS G 55 1.56 22.68 -22.52
C HIS G 55 1.76 22.21 -23.95
N ARG G 56 3.02 22.17 -24.42
CA ARG G 56 3.27 21.72 -25.78
C ARG G 56 2.87 20.27 -25.97
N PHE G 57 2.99 19.45 -24.91
CA PHE G 57 2.58 18.06 -25.01
C PHE G 57 1.09 17.94 -25.34
N TYR G 58 0.27 18.79 -24.73
CA TYR G 58 -1.16 18.75 -25.00
C TYR G 58 -1.49 19.34 -26.37
N PHE G 59 -0.75 20.38 -26.78
CA PHE G 59 -0.99 20.97 -28.10
C PHE G 59 -0.69 19.98 -29.22
N GLU G 60 0.43 19.25 -29.10
CA GLU G 60 0.83 18.35 -30.17
C GLU G 60 -0.05 17.10 -30.21
N ASN G 61 -0.46 16.59 -29.04
CA ASN G 61 -1.14 15.31 -28.96
C ASN G 61 -2.65 15.45 -28.77
N LEU G 62 -3.24 16.53 -29.29
CA LEU G 62 -4.68 16.74 -29.21
C LEU G 62 -5.16 17.31 -30.54
N TRP G 63 -5.96 16.54 -31.27
CA TRP G 63 -6.54 17.00 -32.54
C TRP G 63 -8.02 16.65 -32.60
N LYS G 68 -14.80 16.43 -34.53
CA LYS G 68 -16.17 16.89 -34.36
C LYS G 68 -16.22 18.41 -34.21
N PRO G 69 -17.38 19.00 -34.48
CA PRO G 69 -17.53 20.46 -34.32
C PRO G 69 -17.57 20.84 -32.84
N VAL G 70 -16.65 21.72 -32.44
CA VAL G 70 -16.58 22.22 -31.08
C VAL G 70 -16.94 23.70 -31.10
N HIS G 71 -17.31 24.21 -29.92
CA HIS G 71 -17.70 25.60 -29.79
C HIS G 71 -17.42 26.06 -28.37
N ASN G 72 -16.64 27.12 -28.21
CA ASN G 72 -16.29 27.67 -26.92
C ASN G 72 -16.89 29.07 -26.79
N THR G 73 -17.68 29.29 -25.75
CA THR G 73 -18.28 30.59 -25.47
C THR G 73 -17.72 31.12 -24.16
N MET G 74 -17.15 32.33 -24.21
CA MET G 74 -16.58 32.99 -23.04
C MET G 74 -17.69 33.76 -22.33
N LEU G 75 -18.06 33.32 -21.13
CA LEU G 75 -19.23 33.85 -20.43
C LEU G 75 -18.81 34.84 -19.34
N ASN G 76 -19.53 35.96 -19.28
CA ASN G 76 -19.40 36.99 -18.24
C ASN G 76 -17.95 37.31 -17.87
N PRO G 77 -17.16 37.81 -18.80
CA PRO G 77 -15.78 38.16 -18.45
C PRO G 77 -15.73 39.37 -17.53
N HIS G 78 -14.84 39.30 -16.54
CA HIS G 78 -14.49 40.42 -15.69
C HIS G 78 -13.01 40.72 -15.91
N ILE G 79 -12.72 41.96 -16.30
CA ILE G 79 -11.34 42.42 -16.47
C ILE G 79 -11.00 43.32 -15.30
N HIS G 80 -9.87 43.03 -14.65
CA HIS G 80 -9.28 43.92 -13.66
C HIS G 80 -8.05 44.56 -14.29
N LEU G 81 -8.08 45.89 -14.39
CA LEU G 81 -6.94 46.64 -14.90
C LEU G 81 -6.12 47.16 -13.73
N MET G 82 -4.80 47.00 -13.81
CA MET G 82 -3.88 47.37 -12.74
C MET G 82 -2.79 48.23 -13.36
N GLY G 83 -3.00 49.54 -13.35
CA GLY G 83 -2.11 50.42 -14.07
C GLY G 83 -2.35 50.30 -15.57
N ASP G 84 -1.27 50.38 -16.34
CA ASP G 84 -1.36 50.28 -17.79
C ASP G 84 -0.49 49.16 -18.36
N GLU G 85 0.26 48.44 -17.52
CA GLU G 85 1.11 47.35 -17.98
C GLU G 85 0.63 45.99 -17.48
N SER G 86 -0.64 45.88 -17.04
CA SER G 86 -1.08 44.65 -16.41
C SER G 86 -2.60 44.58 -16.37
N ALA G 87 -3.13 43.39 -16.64
CA ALA G 87 -4.57 43.14 -16.50
C ALA G 87 -4.80 41.69 -16.14
N CYS G 88 -5.98 41.43 -15.56
CA CYS G 88 -6.38 40.09 -15.19
C CYS G 88 -7.83 39.90 -15.61
N ILE G 89 -8.09 38.83 -16.37
CA ILE G 89 -9.41 38.55 -16.89
C ILE G 89 -9.89 37.22 -16.32
N ALA G 90 -11.14 37.20 -15.86
CA ALA G 90 -11.74 36.00 -15.28
C ALA G 90 -13.06 35.74 -15.99
N TYR G 91 -13.30 34.48 -16.36
CA TYR G 91 -14.48 34.15 -17.13
C TYR G 91 -14.74 32.65 -17.05
N ILE G 92 -15.95 32.27 -17.45
CA ILE G 92 -16.37 30.89 -17.54
C ILE G 92 -16.31 30.48 -19.00
N ARG G 93 -15.43 29.53 -19.32
CA ARG G 93 -15.36 28.94 -20.64
C ARG G 93 -16.35 27.79 -20.70
N ILE G 94 -17.31 27.89 -21.61
CA ILE G 94 -18.32 26.85 -21.79
C ILE G 94 -18.09 26.22 -23.15
N THR G 95 -17.94 24.90 -23.17
CA THR G 95 -17.56 24.16 -24.35
C THR G 95 -18.73 23.27 -24.75
N GLN G 96 -19.34 23.58 -25.88
CA GLN G 96 -20.31 22.69 -26.51
C GLN G 96 -19.58 21.85 -27.54
N TYR G 97 -19.89 20.56 -27.57
CA TYR G 97 -19.28 19.65 -28.51
C TYR G 97 -20.20 18.46 -28.71
N LEU G 98 -19.77 17.53 -29.56
CA LEU G 98 -20.50 16.30 -29.83
C LEU G 98 -19.58 15.13 -29.52
N ASP G 99 -20.08 14.17 -28.76
CA ASP G 99 -19.28 13.04 -28.31
C ASP G 99 -19.36 11.92 -29.34
N ALA G 100 -18.96 10.70 -28.96
CA ALA G 100 -19.14 9.54 -29.82
C ALA G 100 -20.61 9.17 -29.86
N GLY G 101 -21.25 9.41 -31.00
CA GLY G 101 -22.69 9.19 -31.14
C GLY G 101 -23.48 10.44 -31.47
N GLY G 102 -22.84 11.59 -31.60
CA GLY G 102 -23.52 12.81 -32.02
C GLY G 102 -24.41 13.45 -30.97
N ILE G 103 -24.32 13.01 -29.72
CA ILE G 103 -25.16 13.59 -28.67
C ILE G 103 -24.50 14.87 -28.17
N PRO G 104 -25.24 15.98 -28.06
CA PRO G 104 -24.64 17.23 -27.61
C PRO G 104 -24.21 17.15 -26.15
N ARG G 105 -22.98 17.58 -25.88
CA ARG G 105 -22.44 17.62 -24.53
C ARG G 105 -21.87 19.00 -24.26
N THR G 106 -21.93 19.42 -23.00
CA THR G 106 -21.41 20.70 -22.58
C THR G 106 -20.49 20.51 -21.39
N ALA G 107 -19.32 21.13 -21.43
CA ALA G 107 -18.40 21.17 -20.31
C ALA G 107 -18.11 22.62 -19.96
N GLN G 108 -17.72 22.85 -18.71
CA GLN G 108 -17.44 24.19 -18.21
C GLN G 108 -16.12 24.18 -17.45
N SER G 109 -15.35 25.25 -17.64
CA SER G 109 -14.19 25.49 -16.80
C SER G 109 -14.12 26.97 -16.45
N GLU G 110 -13.61 27.24 -15.26
CA GLU G 110 -13.40 28.60 -14.81
C GLU G 110 -11.94 28.95 -15.04
N GLU G 111 -11.70 30.09 -15.67
CA GLU G 111 -10.38 30.46 -16.14
C GLU G 111 -10.00 31.84 -15.64
N THR G 112 -8.81 31.95 -15.05
CA THR G 112 -8.20 33.23 -14.72
C THR G 112 -6.94 33.38 -15.54
N ARG G 113 -6.83 34.48 -16.27
CA ARG G 113 -5.64 34.72 -17.08
C ARG G 113 -5.07 36.10 -16.76
N VAL G 114 -3.78 36.13 -16.50
CA VAL G 114 -3.08 37.34 -16.08
C VAL G 114 -2.16 37.79 -17.20
N TRP G 115 -2.26 39.07 -17.56
CA TRP G 115 -1.54 39.61 -18.71
C TRP G 115 -0.63 40.75 -18.27
N HIS G 116 0.58 40.76 -18.83
CA HIS G 116 1.58 41.78 -18.55
C HIS G 116 2.05 42.36 -19.89
N ARG G 117 1.71 43.63 -20.13
CA ARG G 117 2.20 44.31 -21.33
C ARG G 117 3.70 44.51 -21.19
N ARG G 118 4.48 43.63 -21.82
CA ARG G 118 5.92 43.60 -21.67
C ARG G 118 6.55 43.85 -23.04
N ASP G 119 7.48 44.82 -23.09
CA ASP G 119 8.04 45.29 -24.35
C ASP G 119 6.94 45.71 -25.31
N GLY G 120 5.89 46.32 -24.77
CA GLY G 120 4.77 46.80 -25.55
C GLY G 120 3.78 45.75 -25.98
N LYS G 121 4.17 44.48 -26.03
CA LYS G 121 3.27 43.40 -26.43
C LYS G 121 2.66 42.75 -25.18
N TRP G 122 1.40 42.36 -25.29
CA TRP G 122 0.73 41.70 -24.18
C TRP G 122 1.21 40.26 -24.06
N GLN G 123 1.59 39.89 -22.84
CA GLN G 123 2.18 38.59 -22.56
C GLN G 123 1.38 37.88 -21.48
N HIS G 124 1.26 36.56 -21.64
CA HIS G 124 0.47 35.72 -20.74
C HIS G 124 1.41 35.16 -19.69
N VAL G 125 1.31 35.69 -18.46
CA VAL G 125 2.25 35.32 -17.41
C VAL G 125 1.73 34.25 -16.46
N HIS G 126 0.41 34.06 -16.36
CA HIS G 126 -0.12 33.06 -15.43
C HIS G 126 -1.55 32.72 -15.80
N MET G 127 -1.90 31.45 -15.63
CA MET G 127 -3.26 30.99 -15.81
C MET G 127 -3.66 30.10 -14.65
N HIS G 128 -4.94 30.16 -14.31
CA HIS G 128 -5.53 29.25 -13.35
C HIS G 128 -6.82 28.71 -13.96
N ARG G 129 -6.87 27.40 -14.16
CA ARG G 129 -8.01 26.75 -14.81
C ARG G 129 -8.52 25.67 -13.89
N SER G 130 -9.82 25.72 -13.59
CA SER G 130 -10.47 24.69 -12.79
C SER G 130 -11.73 24.24 -13.49
N GLY G 131 -12.17 23.02 -13.15
CA GLY G 131 -13.34 22.46 -13.78
C GLY G 131 -12.99 21.36 -14.78
N ALA G 132 -13.47 21.52 -16.01
CA ALA G 132 -13.30 20.48 -17.02
C ALA G 132 -11.90 20.54 -17.62
N PRO G 133 -11.19 19.43 -17.69
CA PRO G 133 -9.91 19.41 -18.43
C PRO G 133 -10.15 19.47 -19.92
N SER G 134 -9.04 19.60 -20.66
CA SER G 134 -9.12 19.65 -22.11
C SER G 134 -9.63 18.35 -22.69
N VAL G 135 -9.16 17.22 -22.17
CA VAL G 135 -9.55 15.92 -22.69
C VAL G 135 -9.62 14.89 -21.57
#